data_3OMZ
#
_entry.id   3OMZ
#
_cell.length_a   112.370
_cell.length_b   112.370
_cell.length_c   108.110
_cell.angle_alpha   90.00
_cell.angle_beta   90.00
_cell.angle_gamma   90.00
#
_symmetry.space_group_name_H-M   'P 43'
#
_entity_poly.entity_id   1
_entity_poly.type   'polypeptide(L)'
_entity_poly.pdbx_seq_one_letter_code
;MSSNLEGRTKSVIRQTGSSAEITCDLAEGSTGYIHWYLHQEGKAPQRLLYYDSYTSSVVLESGISPGKYDTYGSTRKNLR
MILRNLIENDSGVYYCATWDQNYYKKLFGSGTSLVVTDKQGSADDAKKDAAKKDGAQKVTQAQSSVSMPVRKAVTLNCLY
ETSWWSYYIFWYKRLPSKEMIFLIRQGSDEQNAKSGRYSVNFKKAAKSVALTISALQLEDSAKYFCALGESLTRADKLIF
GKGTRVTVEPRSQHHHHHH
;
_entity_poly.pdbx_strand_id   A,C,E,G
#
# COMPACT_ATOMS: atom_id res chain seq x y z
N SER A 11 3.53 -29.92 -14.55
CA SER A 11 2.80 -29.83 -13.22
C SER A 11 3.64 -30.32 -12.04
N VAL A 12 4.30 -29.38 -11.36
CA VAL A 12 5.40 -29.70 -10.49
C VAL A 12 5.19 -29.09 -9.11
N ILE A 13 5.06 -29.96 -8.10
CA ILE A 13 4.94 -29.52 -6.71
C ILE A 13 6.33 -29.37 -6.11
N ARG A 14 6.46 -28.44 -5.17
CA ARG A 14 7.73 -28.21 -4.50
C ARG A 14 7.43 -27.31 -3.28
N GLN A 15 8.47 -26.83 -2.58
CA GLN A 15 8.26 -26.16 -1.29
C GLN A 15 9.44 -25.30 -0.82
N THR A 16 9.10 -24.14 -0.27
CA THR A 16 10.04 -23.01 -0.12
C THR A 16 11.39 -23.44 0.46
N GLY A 17 12.44 -22.79 -0.05
CA GLY A 17 13.81 -23.12 0.32
C GLY A 17 14.40 -24.17 -0.60
N SER A 18 13.55 -24.78 -1.43
CA SER A 18 13.97 -25.82 -2.33
C SER A 18 14.42 -25.20 -3.65
N SER A 19 14.58 -26.04 -4.67
CA SER A 19 14.98 -25.63 -6.03
C SER A 19 14.11 -26.36 -7.05
N ALA A 20 14.14 -25.86 -8.29
CA ALA A 20 13.29 -26.39 -9.35
C ALA A 20 13.93 -26.28 -10.73
N GLU A 21 13.72 -27.30 -11.55
CA GLU A 21 14.40 -27.33 -12.82
C GLU A 21 13.40 -27.31 -13.92
N ILE A 22 13.14 -26.15 -14.51
CA ILE A 22 12.28 -26.11 -15.70
C ILE A 22 13.17 -26.51 -16.88
N THR A 23 12.65 -27.41 -17.72
CA THR A 23 13.31 -27.90 -18.90
C THR A 23 12.59 -27.21 -20.02
N CYS A 24 12.97 -27.48 -21.26
CA CYS A 24 12.44 -26.70 -22.38
C CYS A 24 12.42 -27.51 -23.64
N ASP A 25 11.32 -27.54 -24.34
CA ASP A 25 11.17 -28.52 -25.41
C ASP A 25 10.99 -27.94 -26.80
N LEU A 26 11.84 -26.99 -27.17
CA LEU A 26 11.67 -26.25 -28.43
C LEU A 26 12.41 -26.94 -29.58
N GLY A 32 19.23 -18.96 -31.68
CA GLY A 32 20.12 -19.36 -30.61
C GLY A 32 19.72 -18.83 -29.24
N TYR A 33 18.86 -17.80 -29.23
CA TYR A 33 18.50 -17.14 -27.99
C TYR A 33 17.26 -17.77 -27.41
N ILE A 34 17.27 -18.01 -26.12
CA ILE A 34 16.08 -18.55 -25.49
C ILE A 34 15.59 -17.59 -24.46
N HIS A 35 14.28 -17.45 -24.41
CA HIS A 35 13.64 -16.54 -23.49
C HIS A 35 12.76 -17.32 -22.52
N TRP A 36 13.05 -17.21 -21.24
CA TRP A 36 12.19 -17.80 -20.20
C TRP A 36 11.18 -16.76 -19.71
N TYR A 37 9.90 -17.14 -19.72
CA TYR A 37 8.82 -16.31 -19.24
C TYR A 37 8.15 -16.97 -18.05
N LEU A 38 7.54 -16.15 -17.19
CA LEU A 38 6.77 -16.65 -16.04
C LEU A 38 5.38 -16.12 -16.13
N HIS A 39 4.39 -16.99 -15.95
CA HIS A 39 3.01 -16.57 -16.08
C HIS A 39 2.22 -16.89 -14.84
N GLN A 40 1.98 -15.87 -14.02
CA GLN A 40 1.32 -16.05 -12.72
C GLN A 40 -0.18 -15.78 -12.82
N GLU A 41 -0.96 -16.38 -11.93
CA GLU A 41 -2.43 -16.27 -11.99
C GLU A 41 -2.92 -14.83 -12.07
N GLY A 42 -3.63 -14.53 -13.15
CA GLY A 42 -4.35 -13.28 -13.27
C GLY A 42 -3.45 -12.14 -13.70
N LYS A 43 -2.15 -12.43 -13.71
CA LYS A 43 -1.17 -11.47 -14.16
C LYS A 43 -0.90 -11.72 -15.64
N ALA A 44 -0.30 -10.75 -16.32
CA ALA A 44 0.16 -10.99 -17.71
C ALA A 44 1.52 -11.63 -17.65
N PRO A 45 1.78 -12.63 -18.51
CA PRO A 45 3.08 -13.25 -18.68
C PRO A 45 4.24 -12.24 -18.83
N GLN A 46 5.40 -12.59 -18.32
CA GLN A 46 6.53 -11.68 -18.35
C GLN A 46 7.84 -12.40 -18.59
N ARG A 47 8.76 -11.76 -19.28
CA ARG A 47 10.08 -12.35 -19.49
C ARG A 47 10.84 -12.21 -18.18
N LEU A 48 11.57 -13.25 -17.80
CA LEU A 48 12.40 -13.21 -16.59
C LEU A 48 13.84 -12.85 -16.98
N LEU A 49 14.31 -13.49 -18.04
CA LEU A 49 15.57 -13.16 -18.66
C LEU A 49 15.62 -13.79 -20.04
N TYR A 50 16.74 -13.64 -20.72
CA TYR A 50 17.02 -14.41 -21.92
C TYR A 50 18.43 -14.83 -21.89
N TYR A 51 18.70 -15.94 -22.54
CA TYR A 51 20.00 -16.59 -22.42
C TYR A 51 20.47 -17.00 -23.76
N ASP A 52 21.72 -16.68 -24.05
CA ASP A 52 22.30 -17.10 -25.31
C ASP A 52 23.18 -18.32 -25.07
N SER A 53 22.83 -19.42 -25.74
CA SER A 53 23.58 -20.67 -25.64
C SER A 53 24.98 -20.42 -26.13
N TYR A 54 25.11 -19.90 -27.34
CA TYR A 54 26.43 -19.79 -27.97
C TYR A 54 27.46 -19.28 -26.96
N THR A 55 27.22 -18.06 -26.45
CA THR A 55 28.12 -17.36 -25.55
C THR A 55 28.03 -17.82 -24.08
N SER A 56 27.04 -18.65 -23.75
CA SER A 56 26.68 -18.94 -22.35
C SER A 56 26.28 -17.67 -21.58
N SER A 57 26.19 -16.56 -22.29
CA SER A 57 25.79 -15.29 -21.68
C SER A 57 24.35 -15.40 -21.16
N VAL A 58 24.04 -14.59 -20.15
CA VAL A 58 22.68 -14.43 -19.65
C VAL A 58 22.40 -12.96 -19.36
N VAL A 59 21.19 -12.52 -19.63
CA VAL A 59 20.83 -11.13 -19.40
C VAL A 59 19.55 -11.10 -18.59
N LEU A 60 19.62 -10.58 -17.36
CA LEU A 60 18.47 -10.66 -16.46
C LEU A 60 17.64 -9.38 -16.61
N GLU A 61 16.35 -9.43 -16.33
CA GLU A 61 15.56 -8.19 -16.40
C GLU A 61 15.58 -7.40 -15.08
N SER A 62 15.09 -6.16 -15.16
CA SER A 62 15.11 -5.24 -14.00
C SER A 62 14.50 -5.86 -12.76
N GLY A 63 15.23 -5.71 -11.65
CA GLY A 63 14.79 -6.24 -10.39
C GLY A 63 15.14 -7.70 -10.23
N ILE A 64 15.13 -8.46 -11.32
CA ILE A 64 15.45 -9.89 -11.22
C ILE A 64 16.85 -10.07 -10.68
N SER A 65 16.98 -10.97 -9.71
CA SER A 65 18.23 -11.11 -8.97
C SER A 65 19.11 -12.23 -9.54
N PRO A 66 20.39 -11.90 -9.78
CA PRO A 66 21.40 -12.86 -10.25
C PRO A 66 21.69 -13.92 -9.20
N GLY A 67 21.84 -15.16 -9.63
CA GLY A 67 22.06 -16.26 -8.71
C GLY A 67 20.78 -16.88 -8.20
N LYS A 68 19.65 -16.32 -8.63
CA LYS A 68 18.33 -16.92 -8.43
C LYS A 68 18.02 -17.90 -9.55
N TYR A 69 18.11 -17.41 -10.79
CA TYR A 69 17.89 -18.26 -11.94
C TYR A 69 19.21 -18.70 -12.53
N ASP A 70 19.41 -20.01 -12.65
CA ASP A 70 20.58 -20.50 -13.34
C ASP A 70 20.14 -21.19 -14.63
N THR A 71 20.84 -20.89 -15.73
CA THR A 71 20.48 -21.44 -17.03
C THR A 71 21.63 -22.18 -17.67
N TYR A 72 21.31 -23.30 -18.32
CA TYR A 72 22.28 -24.23 -18.88
C TYR A 72 21.81 -24.88 -20.16
N GLY A 73 22.73 -25.37 -20.98
CA GLY A 73 22.32 -26.16 -22.16
C GLY A 73 22.21 -25.44 -23.52
N SER A 74 21.82 -26.21 -24.53
CA SER A 74 21.81 -25.79 -25.94
C SER A 74 20.73 -26.53 -26.70
N LYS A 77 16.60 -31.00 -25.39
CA LYS A 77 17.32 -32.11 -24.74
C LYS A 77 18.28 -31.65 -23.63
N ASN A 78 19.02 -30.58 -23.90
CA ASN A 78 19.94 -30.04 -22.92
C ASN A 78 19.36 -28.82 -22.15
N LEU A 79 18.55 -27.96 -22.77
CA LEU A 79 18.27 -26.60 -22.20
C LEU A 79 17.40 -26.54 -20.95
N ARG A 80 17.95 -26.08 -19.84
CA ARG A 80 17.18 -26.06 -18.62
C ARG A 80 17.38 -24.74 -17.88
N MET A 81 16.42 -24.39 -17.02
CA MET A 81 16.61 -23.31 -16.06
C MET A 81 16.35 -23.84 -14.67
N ILE A 82 17.29 -23.61 -13.75
CA ILE A 82 17.08 -23.90 -12.34
C ILE A 82 16.82 -22.63 -11.49
N LEU A 83 15.72 -22.66 -10.73
CA LEU A 83 15.35 -21.66 -9.70
C LEU A 83 15.97 -22.00 -8.35
N ARG A 84 16.55 -21.01 -7.66
CA ARG A 84 17.54 -21.28 -6.58
C ARG A 84 17.05 -21.32 -5.15
N ASN A 85 16.06 -20.50 -4.81
CA ASN A 85 15.59 -20.43 -3.41
C ASN A 85 14.09 -20.24 -3.41
N LEU A 86 13.35 -21.30 -3.57
CA LEU A 86 11.93 -21.14 -3.88
C LEU A 86 11.15 -20.48 -2.76
N ILE A 87 10.08 -19.81 -3.17
CA ILE A 87 9.22 -18.99 -2.30
C ILE A 87 7.88 -18.93 -3.02
N GLU A 88 6.78 -18.95 -2.28
CA GLU A 88 5.46 -19.13 -2.90
C GLU A 88 5.21 -18.23 -4.11
N ASN A 89 5.98 -17.15 -4.23
CA ASN A 89 5.82 -16.22 -5.35
C ASN A 89 6.44 -16.76 -6.64
N ASP A 90 7.40 -17.66 -6.50
CA ASP A 90 7.94 -18.38 -7.64
C ASP A 90 6.88 -19.29 -8.23
N SER A 91 5.82 -19.55 -7.45
CA SER A 91 4.63 -20.25 -7.96
C SER A 91 4.20 -19.62 -9.27
N GLY A 92 3.75 -20.44 -10.21
CA GLY A 92 3.38 -19.95 -11.54
C GLY A 92 3.76 -20.95 -12.59
N VAL A 93 3.50 -20.61 -13.86
CA VAL A 93 3.83 -21.50 -14.96
C VAL A 93 4.90 -20.91 -15.86
N TYR A 94 5.98 -21.65 -16.04
CA TYR A 94 7.17 -21.17 -16.75
C TYR A 94 7.22 -21.63 -18.21
N TYR A 95 7.60 -20.73 -19.10
CA TYR A 95 7.70 -21.03 -20.53
C TYR A 95 9.07 -20.65 -21.06
N CYS A 96 9.64 -21.44 -21.97
CA CYS A 96 10.84 -21.03 -22.69
C CYS A 96 10.39 -20.59 -24.07
N ALA A 97 11.05 -19.59 -24.66
CA ALA A 97 10.60 -19.06 -25.96
C ALA A 97 11.74 -18.66 -26.91
N THR A 98 11.47 -18.61 -28.21
CA THR A 98 12.45 -18.24 -29.19
C THR A 98 11.81 -17.68 -30.41
N TRP A 99 12.47 -16.73 -31.06
CA TRP A 99 11.95 -16.19 -32.29
C TRP A 99 12.00 -17.26 -33.36
N ASP A 100 10.95 -17.36 -34.15
CA ASP A 100 10.94 -18.23 -35.33
C ASP A 100 12.17 -17.89 -36.14
N GLN A 101 12.55 -18.86 -36.99
CA GLN A 101 13.64 -18.71 -37.93
C GLN A 101 13.46 -17.55 -38.91
N ASN A 102 12.25 -17.05 -39.07
CA ASN A 102 12.02 -15.97 -40.02
C ASN A 102 11.43 -14.79 -39.29
N TYR A 103 11.69 -14.75 -38.00
CA TYR A 103 11.14 -13.72 -37.10
C TYR A 103 9.71 -13.31 -37.39
N TYR A 104 8.88 -14.23 -37.87
CA TYR A 104 7.48 -13.90 -37.99
C TYR A 104 6.85 -13.91 -36.60
N LYS A 105 7.38 -14.72 -35.69
CA LYS A 105 6.68 -14.99 -34.44
C LYS A 105 7.63 -15.57 -33.41
N LYS A 106 7.30 -15.44 -32.14
CA LYS A 106 8.06 -16.07 -31.10
C LYS A 106 7.36 -17.40 -30.85
N LEU A 107 8.13 -18.48 -30.71
CA LEU A 107 7.54 -19.79 -30.40
C LEU A 107 7.67 -20.02 -28.90
N PHE A 108 6.66 -20.68 -28.31
CA PHE A 108 6.65 -20.95 -26.87
C PHE A 108 6.66 -22.42 -26.61
N GLY A 109 7.34 -22.80 -25.54
CA GLY A 109 7.41 -24.19 -25.14
C GLY A 109 6.14 -24.69 -24.44
N SER A 110 6.20 -25.95 -24.02
CA SER A 110 5.02 -26.64 -23.53
C SER A 110 4.37 -25.98 -22.34
N GLY A 111 5.16 -25.44 -21.41
CA GLY A 111 4.59 -24.90 -20.17
C GLY A 111 4.69 -25.82 -18.95
N THR A 112 5.12 -25.23 -17.84
CA THR A 112 5.41 -25.97 -16.63
C THR A 112 4.90 -25.17 -15.45
N SER A 113 3.92 -25.75 -14.74
CA SER A 113 3.36 -25.11 -13.58
C SER A 113 4.18 -25.54 -12.38
N LEU A 114 4.72 -24.56 -11.65
CA LEU A 114 5.36 -24.87 -10.38
C LEU A 114 4.46 -24.34 -9.25
N VAL A 115 4.55 -25.01 -8.10
CA VAL A 115 3.88 -24.61 -6.89
C VAL A 115 4.83 -24.75 -5.71
N VAL A 116 5.22 -23.61 -5.13
CA VAL A 116 6.05 -23.61 -3.93
C VAL A 116 5.16 -23.57 -2.66
N THR A 117 5.21 -24.61 -1.85
CA THR A 117 4.34 -24.70 -0.68
C THR A 117 5.09 -24.52 0.63
N ASP A 118 4.42 -23.88 1.58
CA ASP A 118 4.98 -23.55 2.89
C ASP A 118 4.80 -24.71 3.87
N GLN A 137 5.40 1.91 -22.42
CA GLN A 137 4.94 0.72 -23.19
C GLN A 137 4.02 -0.19 -22.36
N LYS A 138 2.71 -0.13 -22.57
CA LYS A 138 1.73 -0.90 -21.77
C LYS A 138 0.80 -1.65 -22.71
N VAL A 139 0.26 -2.79 -22.26
CA VAL A 139 -0.73 -3.51 -23.07
C VAL A 139 -1.86 -4.00 -22.24
N THR A 140 -3.08 -3.60 -22.54
CA THR A 140 -4.16 -3.96 -21.67
C THR A 140 -5.31 -4.51 -22.47
N GLN A 141 -5.79 -5.68 -22.03
CA GLN A 141 -6.99 -6.26 -22.59
C GLN A 141 -8.01 -6.48 -21.47
N ALA A 142 -8.69 -5.42 -21.09
CA ALA A 142 -9.57 -5.44 -19.95
C ALA A 142 -10.83 -6.22 -20.28
N GLN A 143 -10.99 -6.67 -21.52
CA GLN A 143 -12.27 -7.27 -21.87
C GLN A 143 -12.49 -8.41 -20.88
N SER A 144 -13.76 -8.71 -20.60
CA SER A 144 -14.11 -9.68 -19.56
C SER A 144 -14.35 -11.05 -20.21
N SER A 145 -14.19 -12.14 -19.46
CA SER A 145 -14.58 -13.44 -19.97
C SER A 145 -15.75 -13.22 -20.90
N VAL A 146 -15.68 -13.78 -22.11
CA VAL A 146 -16.81 -13.71 -23.03
C VAL A 146 -17.35 -15.10 -23.33
N SER A 147 -18.66 -15.16 -23.55
CA SER A 147 -19.32 -16.41 -23.91
C SER A 147 -20.08 -16.20 -25.21
N MET A 148 -19.79 -17.03 -26.21
CA MET A 148 -20.55 -17.04 -27.46
C MET A 148 -21.07 -18.42 -27.75
N PRO A 149 -22.16 -18.51 -28.51
CA PRO A 149 -22.56 -19.78 -29.11
C PRO A 149 -21.61 -20.17 -30.25
N VAL A 150 -21.70 -21.42 -30.68
CA VAL A 150 -20.81 -21.91 -31.73
C VAL A 150 -21.21 -21.34 -33.08
N ARG A 151 -20.24 -21.26 -33.98
CA ARG A 151 -20.47 -20.75 -35.33
C ARG A 151 -20.90 -19.29 -35.29
N LYS A 152 -20.44 -18.57 -34.27
CA LYS A 152 -20.66 -17.14 -34.19
C LYS A 152 -19.33 -16.45 -33.84
N ALA A 153 -19.13 -15.26 -34.38
CA ALA A 153 -17.89 -14.53 -34.23
C ALA A 153 -17.70 -14.01 -32.80
N VAL A 154 -16.46 -13.64 -32.50
CA VAL A 154 -16.13 -12.89 -31.29
C VAL A 154 -14.98 -11.95 -31.60
N THR A 155 -15.09 -10.71 -31.12
CA THR A 155 -14.02 -9.74 -31.23
C THR A 155 -13.42 -9.55 -29.84
N LEU A 156 -12.19 -10.00 -29.63
CA LEU A 156 -11.50 -9.67 -28.39
C LEU A 156 -10.72 -8.36 -28.53
N ASN A 157 -11.01 -7.39 -27.68
CA ASN A 157 -10.29 -6.11 -27.65
C ASN A 157 -8.86 -6.23 -27.13
N CYS A 158 -8.02 -5.29 -27.56
CA CYS A 158 -6.66 -5.10 -27.04
C CYS A 158 -6.18 -3.68 -27.32
N LEU A 159 -5.92 -2.91 -26.27
CA LEU A 159 -5.46 -1.54 -26.40
C LEU A 159 -4.04 -1.50 -25.91
N TYR A 160 -3.19 -0.69 -26.54
CA TYR A 160 -1.79 -0.67 -26.18
C TYR A 160 -1.19 0.72 -26.17
N GLU A 161 -0.30 0.95 -25.20
CA GLU A 161 0.44 2.20 -25.06
C GLU A 161 1.88 1.96 -25.59
N THR A 162 2.48 2.93 -26.26
CA THR A 162 3.86 2.74 -26.75
C THR A 162 4.55 4.00 -27.27
N SER A 163 5.87 4.08 -27.04
CA SER A 163 6.62 5.27 -27.41
C SER A 163 7.24 5.05 -28.80
N TRP A 164 7.18 3.80 -29.26
CA TRP A 164 7.87 3.35 -30.45
C TRP A 164 7.20 3.81 -31.70
N TRP A 165 7.98 4.10 -32.73
CA TRP A 165 7.40 4.43 -34.01
C TRP A 165 6.86 3.22 -34.69
N SER A 166 7.43 2.07 -34.34
CA SER A 166 7.21 0.89 -35.13
C SER A 166 7.30 -0.32 -34.25
N TYR A 167 6.42 -1.29 -34.46
CA TYR A 167 6.35 -2.41 -33.52
C TYR A 167 5.44 -3.44 -34.13
N TYR A 168 5.35 -4.58 -33.47
CA TYR A 168 4.42 -5.60 -33.91
C TYR A 168 3.49 -6.03 -32.81
N ILE A 169 2.30 -6.45 -33.20
CA ILE A 169 1.37 -7.04 -32.24
C ILE A 169 1.13 -8.51 -32.57
N PHE A 170 1.24 -9.36 -31.56
CA PHE A 170 1.08 -10.78 -31.74
C PHE A 170 -0.04 -11.25 -30.84
N TRP A 171 -0.95 -12.03 -31.40
CA TRP A 171 -2.04 -12.66 -30.64
C TRP A 171 -1.78 -14.15 -30.41
N TYR A 172 -1.91 -14.62 -29.18
CA TYR A 172 -1.76 -16.03 -28.88
C TYR A 172 -2.97 -16.62 -28.18
N LYS A 173 -3.13 -17.94 -28.33
CA LYS A 173 -4.14 -18.72 -27.63
C LYS A 173 -3.50 -19.60 -26.56
N ARG A 174 -3.83 -19.40 -25.27
CA ARG A 174 -3.36 -20.30 -24.20
C ARG A 174 -4.33 -21.45 -23.99
N LEU A 175 -3.89 -22.66 -24.32
CA LEU A 175 -4.67 -23.88 -24.16
C LEU A 175 -4.75 -24.34 -22.69
N PRO A 176 -5.78 -25.16 -22.37
CA PRO A 176 -5.95 -25.82 -21.07
C PRO A 176 -4.76 -26.65 -20.65
N SER A 177 -4.04 -27.21 -21.63
CA SER A 177 -2.72 -27.81 -21.41
C SER A 177 -1.64 -26.78 -21.08
N LYS A 178 -2.01 -25.51 -21.09
CA LYS A 178 -1.09 -24.42 -20.82
C LYS A 178 -0.09 -24.16 -21.93
N GLU A 179 -0.41 -24.44 -23.18
CA GLU A 179 0.51 -24.15 -24.27
C GLU A 179 0.08 -22.88 -25.04
N MET A 180 0.94 -21.86 -25.06
CA MET A 180 0.69 -20.65 -25.87
C MET A 180 0.86 -20.93 -27.36
N ILE A 181 -0.24 -20.95 -28.11
CA ILE A 181 -0.18 -21.11 -29.56
C ILE A 181 -0.23 -19.76 -30.26
N PHE A 182 0.54 -19.59 -31.32
CA PHE A 182 0.56 -18.33 -32.04
C PHE A 182 -0.55 -18.30 -33.06
N LEU A 183 -1.14 -17.13 -33.27
CA LEU A 183 -2.30 -17.01 -34.13
C LEU A 183 -2.02 -16.04 -35.23
N ILE A 184 -1.81 -14.79 -34.88
CA ILE A 184 -1.70 -13.77 -35.90
C ILE A 184 -0.71 -12.73 -35.41
N ARG A 185 -0.22 -11.95 -36.37
CA ARG A 185 0.68 -10.85 -36.12
C ARG A 185 0.17 -9.70 -36.94
N GLN A 186 0.09 -8.54 -36.31
CA GLN A 186 -0.19 -7.33 -37.08
C GLN A 186 0.99 -6.42 -36.97
N GLY A 187 1.48 -5.98 -38.13
CA GLY A 187 2.56 -5.01 -38.20
C GLY A 187 2.03 -3.60 -38.11
N SER A 188 2.77 -2.75 -37.41
CA SER A 188 2.41 -1.33 -37.25
C SER A 188 2.30 -0.60 -38.57
N ASP A 189 2.78 -1.21 -39.65
CA ASP A 189 2.75 -0.58 -40.95
C ASP A 189 2.05 -1.42 -42.03
N GLU A 190 1.55 -2.60 -41.65
CA GLU A 190 0.85 -3.47 -42.56
C GLU A 190 -0.63 -3.06 -42.62
N GLN A 191 -1.31 -3.60 -43.62
CA GLN A 191 -2.76 -3.61 -43.67
C GLN A 191 -3.27 -4.59 -42.63
N ASN A 192 -4.59 -4.71 -42.52
CA ASN A 192 -5.19 -5.57 -41.49
C ASN A 192 -4.85 -7.05 -41.67
N ALA A 193 -4.44 -7.68 -40.57
CA ALA A 193 -4.17 -9.09 -40.53
C ALA A 193 -5.39 -9.97 -40.83
N LYS A 194 -5.22 -10.90 -41.77
CA LYS A 194 -6.16 -12.01 -41.95
C LYS A 194 -5.33 -13.28 -42.07
N SER A 195 -5.66 -14.30 -41.27
CA SER A 195 -5.12 -15.64 -41.46
C SER A 195 -6.17 -16.63 -40.98
N GLY A 196 -6.56 -17.55 -41.86
CA GLY A 196 -7.61 -18.49 -41.56
C GLY A 196 -8.88 -17.83 -41.04
N ARG A 197 -9.24 -18.17 -39.80
CA ARG A 197 -10.42 -17.60 -39.16
C ARG A 197 -10.05 -16.36 -38.37
N TYR A 198 -8.79 -15.94 -38.47
CA TYR A 198 -8.33 -14.83 -37.66
C TYR A 198 -8.21 -13.54 -38.44
N SER A 199 -8.54 -12.45 -37.75
CA SER A 199 -8.67 -11.14 -38.32
C SER A 199 -8.30 -10.10 -37.26
N VAL A 200 -7.38 -9.22 -37.62
CA VAL A 200 -7.06 -8.04 -36.82
C VAL A 200 -7.64 -6.78 -37.48
N ASN A 201 -8.41 -6.01 -36.74
CA ASN A 201 -8.80 -4.70 -37.21
C ASN A 201 -7.89 -3.67 -36.60
N PHE A 202 -6.94 -3.18 -37.40
CA PHE A 202 -5.87 -2.37 -36.86
C PHE A 202 -6.19 -0.88 -36.88
N LYS A 203 -5.97 -0.23 -35.75
CA LYS A 203 -6.30 1.17 -35.60
C LYS A 203 -5.17 1.87 -34.86
N LYS A 204 -4.10 2.12 -35.62
CA LYS A 204 -2.89 2.80 -35.18
C LYS A 204 -3.16 4.13 -34.45
N ALA A 205 -3.95 5.02 -35.06
CA ALA A 205 -4.26 6.28 -34.42
C ALA A 205 -4.70 6.06 -32.99
N ALA A 206 -5.52 5.02 -32.77
CA ALA A 206 -6.04 4.76 -31.42
C ALA A 206 -5.40 3.53 -30.80
N LYS A 207 -4.32 3.06 -31.41
CA LYS A 207 -3.61 1.98 -30.83
C LYS A 207 -4.57 0.92 -30.32
N SER A 208 -5.39 0.37 -31.22
CA SER A 208 -6.24 -0.71 -30.82
C SER A 208 -6.12 -1.80 -31.86
N VAL A 209 -6.10 -3.05 -31.41
CA VAL A 209 -5.82 -4.20 -32.28
C VAL A 209 -6.73 -5.44 -32.06
N ALA A 210 -8.02 -5.25 -31.89
CA ALA A 210 -8.90 -6.35 -31.50
C ALA A 210 -8.88 -7.47 -32.52
N LEU A 211 -8.71 -8.69 -32.01
CA LEU A 211 -8.78 -9.91 -32.80
C LEU A 211 -10.21 -10.40 -32.88
N THR A 212 -10.66 -10.71 -34.09
CA THR A 212 -11.94 -11.38 -34.27
C THR A 212 -11.70 -12.80 -34.78
N ILE A 213 -12.29 -13.78 -34.09
CA ILE A 213 -12.30 -15.18 -34.56
C ILE A 213 -13.71 -15.46 -35.08
N SER A 214 -13.77 -16.06 -36.26
CA SER A 214 -14.93 -15.99 -37.14
C SER A 214 -16.05 -17.01 -36.85
N ALA A 215 -15.72 -18.29 -36.99
CA ALA A 215 -16.73 -19.36 -36.87
C ALA A 215 -16.55 -20.09 -35.57
N LEU A 216 -16.58 -19.33 -34.47
CA LEU A 216 -16.16 -19.85 -33.17
C LEU A 216 -16.64 -21.28 -32.99
N GLN A 217 -15.71 -22.18 -32.68
CA GLN A 217 -16.02 -23.58 -32.47
C GLN A 217 -15.62 -24.02 -31.06
N LEU A 218 -16.27 -25.07 -30.58
CA LEU A 218 -16.03 -25.57 -29.23
C LEU A 218 -14.55 -25.46 -28.84
N GLU A 219 -13.67 -25.96 -29.71
CA GLU A 219 -12.22 -26.02 -29.40
C GLU A 219 -11.58 -24.64 -29.22
N ASP A 220 -12.25 -23.59 -29.71
CA ASP A 220 -11.74 -22.24 -29.55
C ASP A 220 -11.90 -21.73 -28.12
N SER A 221 -12.53 -22.53 -27.25
CA SER A 221 -12.76 -22.11 -25.87
C SER A 221 -11.45 -22.04 -25.11
N ALA A 222 -10.88 -20.85 -24.96
CA ALA A 222 -9.52 -20.70 -24.45
C ALA A 222 -9.27 -19.33 -23.80
N LYS A 223 -8.02 -19.00 -23.50
CA LYS A 223 -7.71 -17.66 -23.04
C LYS A 223 -6.75 -17.03 -24.03
N TYR A 224 -7.10 -15.87 -24.57
CA TYR A 224 -6.34 -15.27 -25.65
C TYR A 224 -5.51 -14.06 -25.26
N PHE A 225 -4.21 -14.18 -25.52
CA PHE A 225 -3.28 -13.14 -25.15
C PHE A 225 -2.83 -12.31 -26.34
N CYS A 226 -2.65 -11.03 -26.06
CA CYS A 226 -2.35 -10.01 -27.05
C CYS A 226 -1.00 -9.50 -26.65
N ALA A 227 -0.05 -9.38 -27.56
CA ALA A 227 1.31 -9.07 -27.14
C ALA A 227 1.95 -8.01 -27.98
N LEU A 228 2.74 -7.15 -27.35
CA LEU A 228 3.47 -6.13 -28.10
C LEU A 228 4.95 -6.49 -28.23
N GLY A 229 5.53 -6.21 -29.38
CA GLY A 229 6.98 -6.19 -29.47
C GLY A 229 7.50 -5.03 -30.30
N GLU A 230 8.77 -4.65 -30.12
CA GLU A 230 9.31 -3.51 -30.85
C GLU A 230 9.92 -3.87 -32.15
N SER A 231 11.00 -4.65 -32.15
CA SER A 231 11.65 -5.07 -33.43
C SER A 231 11.78 -6.60 -33.63
N LEU A 232 12.32 -7.05 -34.75
CA LEU A 232 12.40 -8.48 -34.97
C LEU A 232 13.83 -8.93 -34.75
N THR A 233 14.22 -9.17 -33.50
CA THR A 233 15.63 -9.44 -33.24
C THR A 233 15.86 -10.41 -32.09
N ARG A 234 16.98 -11.12 -32.12
CA ARG A 234 17.18 -12.15 -31.14
C ARG A 234 16.76 -11.68 -29.77
N ALA A 235 17.03 -10.43 -29.43
CA ALA A 235 16.86 -10.02 -28.03
C ALA A 235 15.49 -9.43 -27.75
N ASP A 236 14.63 -9.29 -28.75
CA ASP A 236 13.43 -8.48 -28.50
C ASP A 236 12.44 -9.30 -27.65
N LYS A 237 11.88 -8.71 -26.60
CA LYS A 237 10.85 -9.38 -25.77
C LYS A 237 9.41 -9.09 -26.15
N LEU A 238 8.47 -9.80 -25.51
CA LEU A 238 7.04 -9.55 -25.72
C LEU A 238 6.35 -9.03 -24.47
N ILE A 239 5.53 -7.99 -24.62
CA ILE A 239 4.81 -7.46 -23.49
C ILE A 239 3.35 -7.85 -23.70
N PHE A 240 2.82 -8.55 -22.70
CA PHE A 240 1.55 -9.24 -22.77
C PHE A 240 0.44 -8.53 -22.00
N GLY A 241 -0.78 -8.68 -22.47
CA GLY A 241 -1.92 -8.38 -21.66
C GLY A 241 -2.22 -9.60 -20.81
N LYS A 242 -3.17 -9.42 -19.89
CA LYS A 242 -3.59 -10.48 -18.99
C LYS A 242 -4.55 -11.43 -19.67
N GLY A 243 -4.98 -11.10 -20.88
CA GLY A 243 -5.69 -12.06 -21.71
C GLY A 243 -7.17 -12.08 -21.44
N THR A 244 -7.92 -12.85 -22.23
CA THR A 244 -9.36 -12.82 -22.14
C THR A 244 -9.94 -14.17 -22.50
N ARG A 245 -10.54 -14.80 -21.50
CA ARG A 245 -11.24 -16.08 -21.63
C ARG A 245 -12.36 -16.01 -22.65
N VAL A 246 -12.35 -16.96 -23.57
CA VAL A 246 -13.47 -17.18 -24.46
C VAL A 246 -14.03 -18.55 -24.10
N THR A 247 -15.34 -18.68 -24.17
CA THR A 247 -16.01 -19.95 -23.92
C THR A 247 -17.08 -20.15 -24.99
N VAL A 248 -16.79 -21.01 -25.97
CA VAL A 248 -17.80 -21.30 -26.96
C VAL A 248 -18.85 -22.20 -26.30
N GLU A 249 -20.12 -21.83 -26.50
CA GLU A 249 -21.22 -22.59 -25.96
C GLU A 249 -22.01 -23.17 -27.12
N PRO A 250 -22.58 -24.38 -26.94
CA PRO A 250 -23.57 -24.88 -27.89
C PRO A 250 -24.96 -24.34 -27.58
N SER B 11 -11.72 28.41 -10.29
CA SER B 11 -10.55 28.03 -9.43
C SER B 11 -10.47 28.83 -8.13
N VAL B 12 -9.95 28.17 -7.10
CA VAL B 12 -10.16 28.53 -5.73
C VAL B 12 -8.93 27.98 -5.01
N ILE B 13 -8.01 28.87 -4.64
CA ILE B 13 -6.75 28.45 -4.03
C ILE B 13 -6.92 28.55 -2.52
N ARG B 14 -6.40 27.54 -1.81
CA ARG B 14 -6.68 27.35 -0.39
C ARG B 14 -5.47 26.68 0.25
N GLN B 15 -5.09 27.07 1.45
CA GLN B 15 -3.97 26.41 2.14
C GLN B 15 -4.55 25.34 3.05
N THR B 16 -3.78 24.31 3.33
CA THR B 16 -4.28 23.20 4.11
C THR B 16 -4.74 23.70 5.47
N GLY B 17 -5.84 23.14 5.97
CA GLY B 17 -6.36 23.52 7.27
C GLY B 17 -7.61 24.38 7.20
N SER B 18 -7.81 25.09 6.09
CA SER B 18 -8.94 26.01 5.96
C SER B 18 -10.17 25.39 5.33
N SER B 19 -11.24 26.16 5.20
CA SER B 19 -12.47 25.67 4.59
C SER B 19 -12.63 26.24 3.20
N ALA B 20 -13.63 25.75 2.48
CA ALA B 20 -13.99 26.25 1.15
C ALA B 20 -15.47 25.94 0.90
N GLU B 21 -16.13 26.85 0.19
CA GLU B 21 -17.53 26.71 -0.13
C GLU B 21 -17.66 26.67 -1.64
N ILE B 22 -17.75 25.48 -2.21
CA ILE B 22 -18.02 25.32 -3.64
C ILE B 22 -19.51 25.57 -3.84
N THR B 23 -19.84 26.41 -4.82
CA THR B 23 -21.23 26.74 -5.14
C THR B 23 -21.74 25.92 -6.32
N CYS B 24 -22.97 25.42 -6.21
CA CYS B 24 -23.57 24.57 -7.23
C CYS B 24 -24.36 25.33 -8.32
N ASP B 25 -23.87 25.31 -9.56
CA ASP B 25 -24.49 26.09 -10.67
C ASP B 25 -25.37 25.24 -11.60
N LEU B 26 -26.65 25.13 -11.24
CA LEU B 26 -27.65 24.40 -12.02
C LEU B 26 -28.87 25.31 -12.18
N GLY B 32 -34.60 16.65 -7.80
CA GLY B 32 -34.74 16.62 -6.33
C GLY B 32 -33.41 16.49 -5.56
N TYR B 33 -32.84 15.29 -5.64
CA TYR B 33 -31.60 15.05 -4.99
C TYR B 33 -30.51 15.83 -5.70
N ILE B 34 -29.41 16.05 -4.99
CA ILE B 34 -28.17 16.57 -5.58
C ILE B 34 -27.01 15.64 -5.26
N HIS B 35 -26.08 15.51 -6.19
CA HIS B 35 -24.88 14.68 -5.98
C HIS B 35 -23.66 15.52 -6.20
N TRP B 36 -22.69 15.38 -5.30
CA TRP B 36 -21.44 16.08 -5.43
C TRP B 36 -20.40 15.04 -5.82
N TYR B 37 -19.74 15.26 -6.95
CA TYR B 37 -18.65 14.39 -7.41
C TYR B 37 -17.29 15.10 -7.35
N LEU B 38 -16.26 14.33 -7.05
CA LEU B 38 -14.89 14.83 -7.04
C LEU B 38 -14.18 14.29 -8.22
N HIS B 39 -13.39 15.12 -8.90
CA HIS B 39 -12.55 14.59 -9.98
C HIS B 39 -11.11 15.07 -9.91
N GLN B 40 -10.22 14.11 -9.68
CA GLN B 40 -8.78 14.36 -9.58
C GLN B 40 -8.01 13.93 -10.86
N GLU B 41 -6.98 14.69 -11.20
CA GLU B 41 -6.18 14.42 -12.42
C GLU B 41 -5.82 12.95 -12.56
N GLY B 42 -6.22 12.37 -13.68
CA GLY B 42 -5.79 11.03 -14.02
C GLY B 42 -6.71 9.94 -13.52
N LYS B 43 -7.71 10.36 -12.74
CA LYS B 43 -8.58 9.45 -12.02
C LYS B 43 -10.00 9.65 -12.46
N ALA B 44 -10.85 8.65 -12.27
CA ALA B 44 -12.23 8.74 -12.72
C ALA B 44 -12.98 9.51 -11.69
N PRO B 45 -13.76 10.51 -12.13
CA PRO B 45 -14.61 11.21 -11.17
C PRO B 45 -15.36 10.18 -10.35
N GLN B 46 -15.39 10.34 -9.02
CA GLN B 46 -16.11 9.43 -8.18
C GLN B 46 -17.02 10.27 -7.28
N ARG B 47 -18.20 9.77 -6.91
CA ARG B 47 -19.13 10.61 -6.12
C ARG B 47 -18.78 10.60 -4.65
N LEU B 48 -18.95 11.75 -4.03
CA LEU B 48 -18.70 11.96 -2.62
C LEU B 48 -19.95 11.74 -1.77
N LEU B 49 -21.13 12.07 -2.29
CA LEU B 49 -22.35 12.01 -1.48
C LEU B 49 -23.53 12.61 -2.19
N TYR B 50 -24.73 12.30 -1.74
CA TYR B 50 -25.90 13.00 -2.24
C TYR B 50 -26.74 13.55 -1.15
N TYR B 51 -27.37 14.66 -1.47
CA TYR B 51 -28.01 15.50 -0.48
C TYR B 51 -29.44 15.67 -0.91
N ASP B 52 -30.36 15.59 0.03
CA ASP B 52 -31.76 15.82 -0.29
C ASP B 52 -32.08 17.28 0.05
N SER B 53 -32.10 18.10 -0.99
CA SER B 53 -32.43 19.50 -0.85
C SER B 53 -33.61 19.60 0.09
N TYR B 54 -34.68 18.90 -0.26
CA TYR B 54 -35.94 18.98 0.45
C TYR B 54 -35.81 18.55 1.92
N THR B 55 -35.69 17.25 2.14
CA THR B 55 -35.64 16.67 3.48
C THR B 55 -34.34 16.94 4.20
N SER B 56 -33.43 17.66 3.56
CA SER B 56 -32.10 17.98 4.13
C SER B 56 -31.42 16.83 4.89
N SER B 57 -31.09 15.77 4.16
CA SER B 57 -30.32 14.65 4.69
C SER B 57 -29.25 14.24 3.68
N VAL B 58 -28.05 13.94 4.20
CA VAL B 58 -26.94 13.58 3.36
C VAL B 58 -26.63 12.10 3.53
N VAL B 59 -26.53 11.38 2.42
CA VAL B 59 -25.97 10.05 2.42
C VAL B 59 -24.49 10.18 2.01
N LEU B 60 -23.58 9.74 2.87
CA LEU B 60 -22.15 9.86 2.60
C LEU B 60 -21.62 8.53 2.08
N GLU B 61 -20.80 8.55 1.05
CA GLU B 61 -20.29 7.31 0.47
C GLU B 61 -19.19 6.67 1.33
N SER B 62 -18.87 5.41 1.01
CA SER B 62 -18.01 4.55 1.85
C SER B 62 -16.54 4.96 1.83
N GLY B 63 -16.11 5.58 2.93
CA GLY B 63 -14.75 6.13 3.04
C GLY B 63 -14.74 7.54 3.60
N ILE B 64 -15.91 8.15 3.68
CA ILE B 64 -16.00 9.53 4.15
C ILE B 64 -16.47 9.64 5.58
N SER B 65 -16.09 10.74 6.24
CA SER B 65 -16.49 11.00 7.62
C SER B 65 -17.35 12.28 7.68
N PRO B 66 -18.49 12.22 8.40
CA PRO B 66 -19.34 13.40 8.59
C PRO B 66 -18.52 14.57 9.12
N GLY B 67 -18.89 15.78 8.72
CA GLY B 67 -18.22 16.99 9.18
C GLY B 67 -17.22 17.57 8.19
N LYS B 68 -16.84 16.78 7.20
CA LYS B 68 -15.96 17.25 6.16
C LYS B 68 -16.78 18.09 5.19
N TYR B 69 -18.05 17.72 5.01
CA TYR B 69 -18.85 18.23 3.90
C TYR B 69 -20.23 18.76 4.25
N ASP B 70 -20.34 19.94 4.85
CA ASP B 70 -21.67 20.51 5.12
C ASP B 70 -22.32 20.66 3.76
N THR B 71 -23.65 20.67 3.73
CA THR B 71 -24.42 20.97 2.49
C THR B 71 -25.77 21.62 2.81
N ASN B 78 -28.35 29.35 -3.39
CA ASN B 78 -27.90 28.85 -2.09
C ASN B 78 -27.52 27.37 -2.06
N LEU B 79 -27.49 26.69 -3.21
CA LEU B 79 -26.99 25.30 -3.24
C LEU B 79 -25.47 25.36 -3.13
N ARG B 80 -24.93 24.84 -2.02
CA ARG B 80 -23.51 25.02 -1.76
C ARG B 80 -22.94 23.98 -0.78
N MET B 81 -21.69 23.57 -1.04
CA MET B 81 -20.99 22.63 -0.16
C MET B 81 -19.74 23.24 0.42
N ILE B 82 -19.56 23.04 1.71
CA ILE B 82 -18.42 23.54 2.43
C ILE B 82 -17.51 22.39 2.75
N LEU B 83 -16.29 22.42 2.21
CA LEU B 83 -15.22 21.51 2.60
C LEU B 83 -14.54 22.15 3.82
N ARG B 84 -14.12 21.37 4.83
CA ARG B 84 -13.76 21.98 6.12
C ARG B 84 -12.34 21.74 6.67
N ASN B 85 -11.74 20.58 6.38
CA ASN B 85 -10.38 20.34 6.93
C ASN B 85 -9.41 20.04 5.86
N LEU B 86 -9.09 21.06 5.05
CA LEU B 86 -8.39 20.81 3.80
C LEU B 86 -7.07 20.12 4.03
N ILE B 87 -6.94 18.98 3.37
CA ILE B 87 -5.67 18.30 3.20
C ILE B 87 -5.27 18.58 1.75
N GLU B 88 -4.02 18.28 1.41
CA GLU B 88 -3.55 18.47 0.04
C GLU B 88 -4.38 17.59 -0.90
N ASN B 89 -4.72 16.38 -0.47
CA ASN B 89 -5.44 15.42 -1.31
C ASN B 89 -6.95 15.69 -1.42
N ASP B 90 -7.39 16.84 -0.93
CA ASP B 90 -8.76 17.28 -1.18
C ASP B 90 -8.79 18.02 -2.49
N SER B 91 -7.65 18.27 -3.13
CA SER B 91 -7.68 19.17 -4.27
C SER B 91 -8.00 18.48 -5.56
N GLY B 92 -8.86 19.12 -6.33
CA GLY B 92 -9.33 18.58 -7.59
C GLY B 92 -10.51 19.42 -8.03
N VAL B 93 -11.20 19.00 -9.07
CA VAL B 93 -12.35 19.79 -9.49
C VAL B 93 -13.63 19.11 -9.06
N TYR B 94 -14.47 19.89 -8.36
CA TYR B 94 -15.74 19.43 -7.79
C TYR B 94 -16.95 19.75 -8.66
N TYR B 95 -17.78 18.74 -8.95
CA TYR B 95 -19.05 18.95 -9.62
C TYR B 95 -20.27 18.63 -8.74
N CYS B 96 -21.33 19.40 -8.89
CA CYS B 96 -22.64 18.99 -8.38
C CYS B 96 -23.44 18.54 -9.57
N ALA B 97 -24.15 17.44 -9.43
CA ALA B 97 -24.91 16.86 -10.52
C ALA B 97 -26.24 16.41 -9.97
N THR B 98 -27.20 16.26 -10.87
CA THR B 98 -28.56 15.83 -10.52
C THR B 98 -29.21 15.16 -11.72
N TRP B 99 -29.99 14.09 -11.50
CA TRP B 99 -30.69 13.48 -12.65
C TRP B 99 -31.66 14.47 -13.27
N ASP B 100 -31.71 14.52 -14.60
CA ASP B 100 -32.40 15.58 -15.29
C ASP B 100 -33.90 15.39 -15.16
N GLN B 101 -34.69 16.30 -15.72
CA GLN B 101 -36.14 16.32 -15.43
C GLN B 101 -36.93 15.23 -16.16
N ASN B 102 -36.31 14.39 -16.96
CA ASN B 102 -37.05 13.26 -17.54
C ASN B 102 -36.45 11.98 -17.02
N TYR B 103 -35.74 12.12 -15.92
CA TYR B 103 -35.00 11.01 -15.39
C TYR B 103 -34.34 10.18 -16.45
N TYR B 104 -33.75 10.86 -17.41
CA TYR B 104 -33.22 10.21 -18.58
C TYR B 104 -31.71 10.12 -18.56
N LYS B 105 -31.06 11.29 -18.50
CA LYS B 105 -29.62 11.39 -18.32
C LYS B 105 -29.38 12.13 -17.00
N LYS B 106 -28.20 12.01 -16.44
CA LYS B 106 -27.74 12.77 -15.28
C LYS B 106 -26.96 14.02 -15.73
N LEU B 107 -27.22 15.15 -15.07
CA LEU B 107 -26.65 16.45 -15.42
C LEU B 107 -25.60 16.90 -14.44
N PHE B 108 -24.46 17.35 -14.94
CA PHE B 108 -23.39 17.89 -14.09
C PHE B 108 -23.25 19.39 -14.21
N GLY B 109 -23.14 20.08 -13.09
CA GLY B 109 -22.82 21.50 -13.08
C GLY B 109 -21.43 21.78 -13.65
N SER B 110 -20.97 23.02 -13.48
CA SER B 110 -19.89 23.53 -14.33
C SER B 110 -18.55 23.07 -13.80
N GLY B 111 -18.48 22.81 -12.51
CA GLY B 111 -17.24 22.29 -11.95
C GLY B 111 -16.34 23.36 -11.37
N THR B 112 -15.72 23.05 -10.25
CA THR B 112 -14.96 24.03 -9.52
C THR B 112 -13.75 23.36 -8.95
N SER B 113 -12.57 23.92 -9.25
CA SER B 113 -11.30 23.31 -8.86
C SER B 113 -10.67 23.95 -7.63
N LEU B 114 -10.44 23.10 -6.64
CA LEU B 114 -9.75 23.53 -5.44
C LEU B 114 -8.31 23.12 -5.66
N VAL B 115 -7.41 23.96 -5.20
CA VAL B 115 -6.05 23.54 -4.99
C VAL B 115 -5.74 23.85 -3.53
N VAL B 116 -5.40 22.81 -2.76
CA VAL B 116 -4.93 23.04 -1.41
C VAL B 116 -3.45 22.74 -1.34
N THR B 117 -2.65 23.70 -0.90
CA THR B 117 -1.24 23.50 -0.63
C THR B 117 -0.95 23.79 0.83
N ASP B 118 0.33 23.87 1.21
CA ASP B 118 0.71 24.04 2.60
C ASP B 118 1.48 25.34 2.83
N GLN B 137 -18.53 -4.26 -10.69
CA GLN B 137 -18.85 -2.96 -11.36
C GLN B 137 -17.55 -2.15 -11.50
N LYS B 138 -17.06 -2.06 -12.73
CA LYS B 138 -15.81 -1.35 -13.08
C LYS B 138 -15.96 -0.80 -14.49
N VAL B 139 -15.29 0.31 -14.78
CA VAL B 139 -15.31 0.93 -16.10
C VAL B 139 -13.91 1.30 -16.50
N THR B 140 -13.46 0.87 -17.67
CA THR B 140 -12.06 1.03 -18.02
C THR B 140 -11.90 1.62 -19.38
N GLN B 141 -11.22 2.76 -19.49
CA GLN B 141 -11.09 3.40 -20.81
C GLN B 141 -9.73 3.30 -21.50
N SER B 144 -4.88 6.21 -22.78
CA SER B 144 -4.14 7.08 -23.71
C SER B 144 -4.83 8.43 -24.05
N SER B 145 -4.87 8.67 -25.38
CA SER B 145 -5.15 9.95 -25.98
C SER B 145 -5.05 9.63 -27.42
N VAL B 146 -5.80 10.30 -28.26
CA VAL B 146 -5.94 9.93 -29.65
C VAL B 146 -6.08 11.18 -30.51
N SER B 147 -5.52 11.14 -31.70
CA SER B 147 -5.41 12.34 -32.50
C SER B 147 -5.84 12.04 -33.91
N MET B 148 -6.82 12.79 -34.40
CA MET B 148 -7.32 12.59 -35.76
C MET B 148 -7.52 13.90 -36.52
N PRO B 149 -7.33 13.87 -37.83
CA PRO B 149 -7.57 15.06 -38.60
C PRO B 149 -9.04 15.45 -38.64
N VAL B 150 -9.29 16.75 -38.77
CA VAL B 150 -10.65 17.25 -38.99
C VAL B 150 -11.30 16.53 -40.15
N ARG B 151 -12.60 16.32 -40.00
CA ARG B 151 -13.48 15.75 -41.03
C ARG B 151 -13.47 14.21 -41.00
N LYS B 152 -12.51 13.63 -40.28
CA LYS B 152 -12.47 12.17 -40.10
C LYS B 152 -13.36 11.76 -38.90
N ALA B 153 -13.27 10.50 -38.47
CA ALA B 153 -14.04 10.06 -37.30
C ALA B 153 -13.18 9.29 -36.31
N VAL B 154 -13.73 9.11 -35.13
CA VAL B 154 -13.03 8.43 -34.08
C VAL B 154 -14.00 7.63 -33.25
N THR B 155 -13.52 6.49 -32.82
CA THR B 155 -14.23 5.76 -31.85
C THR B 155 -13.31 5.70 -30.65
N LEU B 156 -13.84 6.08 -29.49
CA LEU B 156 -13.21 5.77 -28.23
C LEU B 156 -13.75 4.46 -27.62
N ASN B 157 -12.85 3.52 -27.33
CA ASN B 157 -13.23 2.35 -26.57
C ASN B 157 -13.69 2.75 -25.15
N CYS B 158 -14.55 1.90 -24.57
CA CYS B 158 -14.82 1.85 -23.12
C CYS B 158 -15.36 0.46 -22.79
N LEU B 159 -14.73 -0.26 -21.88
CA LEU B 159 -15.14 -1.62 -21.58
C LEU B 159 -15.45 -1.73 -20.10
N TYR B 160 -16.53 -2.41 -19.76
CA TYR B 160 -17.01 -2.41 -18.39
C TYR B 160 -17.15 -3.78 -17.85
N GLU B 161 -17.18 -3.85 -16.52
CA GLU B 161 -17.44 -5.08 -15.77
C GLU B 161 -18.62 -4.72 -14.87
N THR B 162 -19.63 -5.58 -14.82
CA THR B 162 -20.81 -5.30 -14.00
C THR B 162 -21.62 -6.56 -13.73
N SER B 163 -21.98 -6.77 -12.47
CA SER B 163 -22.81 -7.90 -12.11
C SER B 163 -24.30 -7.71 -12.48
N TRP B 164 -24.71 -6.50 -12.90
CA TRP B 164 -26.13 -6.14 -13.02
C TRP B 164 -26.89 -6.70 -14.24
N TRP B 165 -28.18 -6.91 -14.10
CA TRP B 165 -29.01 -7.38 -15.21
C TRP B 165 -29.38 -6.26 -16.18
N SER B 166 -29.67 -5.11 -15.60
CA SER B 166 -30.06 -3.93 -16.33
C SER B 166 -29.05 -2.88 -15.96
N TYR B 167 -28.76 -1.94 -16.85
CA TYR B 167 -27.95 -0.78 -16.49
C TYR B 167 -27.93 0.12 -17.68
N TYR B 168 -27.44 1.32 -17.48
CA TYR B 168 -27.27 2.27 -18.57
C TYR B 168 -25.85 2.76 -18.53
N ILE B 169 -25.35 3.01 -19.72
CA ILE B 169 -24.01 3.50 -19.94
C ILE B 169 -24.13 4.91 -20.51
N PHE B 170 -23.26 5.86 -20.11
CA PHE B 170 -23.38 7.27 -20.62
C PHE B 170 -22.03 7.84 -21.03
N TRP B 171 -21.97 8.58 -22.13
CA TRP B 171 -20.77 9.33 -22.50
C TRP B 171 -20.90 10.83 -22.27
N TYR B 172 -19.83 11.43 -21.72
CA TYR B 172 -19.76 12.86 -21.51
C TYR B 172 -18.52 13.44 -22.19
N LYS B 173 -18.66 14.68 -22.67
CA LYS B 173 -17.55 15.42 -23.24
C LYS B 173 -17.11 16.29 -22.13
N ARG B 174 -15.82 16.40 -21.85
CA ARG B 174 -15.41 17.39 -20.85
C ARG B 174 -14.58 18.52 -21.41
N LEU B 175 -15.21 19.67 -21.56
CA LEU B 175 -14.54 20.86 -22.11
C LEU B 175 -13.40 21.45 -21.22
N PRO B 176 -12.45 22.16 -21.84
CA PRO B 176 -11.43 22.73 -20.95
C PRO B 176 -11.97 23.82 -20.05
N SER B 177 -13.22 24.24 -20.27
CA SER B 177 -13.93 25.06 -19.29
C SER B 177 -14.25 24.24 -18.04
N LYS B 178 -13.77 23.01 -17.99
CA LYS B 178 -14.06 22.05 -16.91
C LYS B 178 -15.52 21.57 -16.84
N GLU B 179 -16.35 21.93 -17.81
CA GLU B 179 -17.74 21.49 -17.83
C GLU B 179 -17.86 20.06 -18.39
N MET B 180 -18.76 19.25 -17.82
CA MET B 180 -19.06 17.91 -18.33
C MET B 180 -20.35 17.84 -19.14
N ILE B 181 -20.29 17.73 -20.46
CA ILE B 181 -21.52 17.67 -21.22
C ILE B 181 -21.92 16.26 -21.57
N PHE B 182 -23.21 15.99 -21.43
CA PHE B 182 -23.77 14.71 -21.80
C PHE B 182 -23.80 14.61 -23.30
N LEU B 183 -23.41 13.45 -23.84
CA LEU B 183 -23.33 13.24 -25.29
C LEU B 183 -24.39 12.28 -25.80
N ILE B 184 -24.36 11.06 -25.27
CA ILE B 184 -25.29 9.99 -25.65
C ILE B 184 -25.41 9.02 -24.49
N ARG B 185 -26.54 8.31 -24.43
CA ARG B 185 -26.74 7.24 -23.47
C ARG B 185 -27.00 5.97 -24.24
N GLN B 186 -26.47 4.86 -23.76
CA GLN B 186 -26.84 3.56 -24.33
C GLN B 186 -27.38 2.67 -23.23
N GLY B 187 -28.63 2.25 -23.40
CA GLY B 187 -29.28 1.35 -22.45
C GLY B 187 -28.92 -0.07 -22.79
N SER B 188 -28.67 -0.88 -21.76
CA SER B 188 -28.36 -2.30 -21.94
C SER B 188 -29.40 -3.08 -22.74
N ASP B 189 -30.66 -2.67 -22.69
CA ASP B 189 -31.72 -3.44 -23.34
C ASP B 189 -32.15 -2.79 -24.62
N GLU B 190 -31.28 -1.97 -25.19
CA GLU B 190 -31.64 -1.17 -26.36
C GLU B 190 -30.83 -1.53 -27.58
N GLN B 191 -31.31 -1.09 -28.73
CA GLN B 191 -30.52 -1.17 -29.91
C GLN B 191 -29.44 -0.12 -29.81
N ASN B 192 -28.60 -0.01 -30.80
CA ASN B 192 -27.43 0.84 -30.68
C ASN B 192 -27.79 2.29 -30.74
N ALA B 193 -27.18 3.06 -29.87
CA ALA B 193 -27.42 4.48 -29.81
C ALA B 193 -26.89 5.19 -31.06
N LYS B 194 -27.69 6.12 -31.59
CA LYS B 194 -27.17 7.10 -32.53
C LYS B 194 -27.86 8.41 -32.21
N SER B 195 -27.11 9.48 -32.02
CA SER B 195 -27.67 10.81 -31.89
C SER B 195 -26.64 11.75 -32.46
N GLY B 196 -27.03 12.47 -33.50
CA GLY B 196 -26.15 13.46 -34.07
C GLY B 196 -24.99 12.73 -34.65
N ARG B 197 -23.79 13.28 -34.42
CA ARG B 197 -22.54 12.69 -34.88
C ARG B 197 -22.08 11.63 -33.91
N TYR B 198 -22.73 11.53 -32.77
CA TYR B 198 -22.40 10.51 -31.81
C TYR B 198 -23.19 9.23 -32.02
N SER B 199 -22.58 8.11 -31.62
CA SER B 199 -23.17 6.80 -31.80
C SER B 199 -22.50 5.79 -30.91
N VAL B 200 -23.21 4.77 -30.47
CA VAL B 200 -22.48 3.71 -29.80
C VAL B 200 -22.73 2.31 -30.36
N ASN B 201 -21.65 1.53 -30.33
CA ASN B 201 -21.65 0.21 -30.85
C ASN B 201 -21.79 -0.78 -29.71
N PHE B 202 -23.01 -1.02 -29.26
CA PHE B 202 -23.18 -1.80 -28.04
C PHE B 202 -23.03 -3.31 -28.24
N LYS B 203 -22.15 -3.88 -27.42
CA LYS B 203 -21.86 -5.32 -27.41
C LYS B 203 -22.03 -5.90 -25.98
N LYS B 204 -23.26 -6.18 -25.57
CA LYS B 204 -23.50 -6.72 -24.21
C LYS B 204 -22.59 -7.94 -23.87
N ALA B 205 -22.44 -8.86 -24.81
CA ALA B 205 -21.69 -10.08 -24.51
C ALA B 205 -20.24 -9.74 -24.15
N ALA B 206 -19.64 -8.78 -24.85
CA ALA B 206 -18.24 -8.44 -24.63
C ALA B 206 -18.14 -7.37 -23.57
N LYS B 207 -19.29 -6.88 -23.09
CA LYS B 207 -19.37 -5.62 -22.35
C LYS B 207 -18.46 -4.57 -22.92
N SER B 208 -18.74 -4.15 -24.15
CA SER B 208 -17.98 -3.09 -24.78
C SER B 208 -18.91 -2.01 -25.31
N VAL B 209 -18.57 -0.75 -25.09
CA VAL B 209 -19.48 0.35 -25.41
C VAL B 209 -18.83 1.48 -26.19
N ALA B 210 -18.03 1.17 -27.21
CA ALA B 210 -17.27 2.22 -27.86
C ALA B 210 -18.17 3.27 -28.51
N LEU B 211 -17.85 4.53 -28.20
CA LEU B 211 -18.47 5.67 -28.84
C LEU B 211 -17.67 6.05 -30.09
N THR B 212 -18.38 6.43 -31.12
CA THR B 212 -17.71 6.93 -32.30
C THR B 212 -18.31 8.29 -32.55
N ILE B 213 -17.42 9.27 -32.73
CA ILE B 213 -17.79 10.62 -33.08
C ILE B 213 -17.56 10.78 -34.57
N SER B 214 -18.47 11.45 -35.28
CA SER B 214 -18.53 11.29 -36.74
C SER B 214 -17.81 12.35 -37.57
N ALA B 215 -18.12 13.62 -37.35
CA ALA B 215 -17.55 14.62 -38.25
C ALA B 215 -16.61 15.48 -37.42
N LEU B 216 -15.42 14.97 -37.15
CA LEU B 216 -14.58 15.62 -36.16
C LEU B 216 -14.41 17.07 -36.53
N GLN B 217 -14.58 17.92 -35.52
CA GLN B 217 -14.55 19.35 -35.66
C GLN B 217 -13.45 19.83 -34.73
N LEU B 218 -12.87 20.98 -35.02
CA LEU B 218 -11.77 21.44 -34.19
C LEU B 218 -12.27 21.49 -32.75
N GLU B 219 -13.55 21.81 -32.55
CA GLU B 219 -14.10 22.01 -31.19
C GLU B 219 -14.53 20.71 -30.48
N ASP B 220 -14.18 19.56 -31.07
CA ASP B 220 -14.44 18.29 -30.46
C ASP B 220 -13.25 17.84 -29.67
N SER B 221 -12.22 18.68 -29.58
CA SER B 221 -11.05 18.34 -28.80
C SER B 221 -11.42 18.43 -27.34
N ALA B 222 -11.77 17.29 -26.75
CA ALA B 222 -12.03 17.19 -25.30
C ALA B 222 -11.46 15.88 -24.69
N LYS B 223 -11.71 15.67 -23.42
CA LYS B 223 -11.49 14.37 -22.81
C LYS B 223 -12.83 13.71 -22.55
N TYR B 224 -13.05 12.54 -23.16
CA TYR B 224 -14.36 11.88 -23.09
C TYR B 224 -14.46 10.79 -22.06
N PHE B 225 -15.54 10.86 -21.28
CA PHE B 225 -15.81 9.92 -20.20
C PHE B 225 -16.99 9.02 -20.49
N CYS B 226 -16.83 7.71 -20.30
CA CYS B 226 -17.98 6.83 -20.32
C CYS B 226 -18.28 6.54 -18.87
N ALA B 227 -19.57 6.39 -18.53
CA ALA B 227 -20.00 6.09 -17.14
C ALA B 227 -21.05 5.01 -17.09
N LEU B 228 -20.92 4.12 -16.12
CA LEU B 228 -21.86 3.04 -15.92
C LEU B 228 -22.89 3.52 -14.93
N GLY B 229 -24.11 2.99 -15.02
CA GLY B 229 -25.21 3.34 -14.10
C GLY B 229 -26.31 2.29 -14.05
N GLU B 230 -26.83 2.02 -12.87
CA GLU B 230 -27.77 0.90 -12.75
C GLU B 230 -29.23 1.21 -13.08
N SER B 231 -29.79 2.20 -12.41
CA SER B 231 -31.14 2.60 -12.64
C SER B 231 -31.28 4.10 -12.73
N LEU B 232 -32.49 4.52 -13.10
CA LEU B 232 -32.81 5.91 -13.25
C LEU B 232 -33.66 6.43 -12.08
N THR B 233 -33.01 6.60 -10.94
CA THR B 233 -33.72 7.01 -9.75
C THR B 233 -32.94 8.16 -9.19
N ARG B 234 -33.60 9.06 -8.49
CA ARG B 234 -32.90 10.26 -8.05
C ARG B 234 -31.59 9.94 -7.31
N ALA B 235 -31.50 8.72 -6.75
CA ALA B 235 -30.30 8.31 -6.03
C ALA B 235 -29.26 7.51 -6.82
N ASP B 236 -29.38 7.36 -8.12
CA ASP B 236 -28.39 6.49 -8.78
C ASP B 236 -27.04 7.14 -9.13
N LYS B 237 -25.94 6.52 -8.67
CA LYS B 237 -24.57 7.01 -8.93
C LYS B 237 -24.08 6.54 -10.27
N LEU B 238 -23.14 7.28 -10.83
CA LEU B 238 -22.45 6.83 -12.02
C LEU B 238 -21.08 6.40 -11.59
N ILE B 239 -20.54 5.36 -12.20
CA ILE B 239 -19.14 5.01 -12.01
C ILE B 239 -18.47 5.42 -13.28
N PHE B 240 -17.40 6.20 -13.23
CA PHE B 240 -16.76 6.62 -14.47
C PHE B 240 -15.50 5.82 -14.84
N GLY B 241 -15.12 5.96 -16.10
CA GLY B 241 -13.81 5.62 -16.52
C GLY B 241 -12.97 6.87 -16.31
N LYS B 242 -11.68 6.77 -16.61
CA LYS B 242 -10.75 7.89 -16.49
C LYS B 242 -10.67 8.74 -17.75
N GLY B 243 -11.43 8.36 -18.77
CA GLY B 243 -11.58 9.23 -19.94
C GLY B 243 -10.49 9.08 -20.98
N THR B 244 -10.72 9.62 -22.16
CA THR B 244 -9.76 9.54 -23.22
C THR B 244 -9.68 10.91 -23.84
N ARG B 245 -8.47 11.43 -23.98
CA ARG B 245 -8.32 12.73 -24.57
C ARG B 245 -8.46 12.57 -26.09
N VAL B 246 -9.19 13.46 -26.72
CA VAL B 246 -9.20 13.53 -28.18
C VAL B 246 -8.62 14.87 -28.61
N THR B 247 -7.86 14.84 -29.69
CA THR B 247 -7.36 16.06 -30.31
C THR B 247 -7.61 16.03 -31.81
N VAL B 248 -8.30 17.04 -32.28
CA VAL B 248 -8.52 17.13 -33.70
C VAL B 248 -7.42 17.99 -34.29
N GLU B 249 -6.67 17.42 -35.21
CA GLU B 249 -5.64 18.15 -35.90
C GLU B 249 -6.26 18.86 -37.09
N PRO B 250 -5.91 20.14 -37.27
CA PRO B 250 -6.31 20.90 -38.44
C PRO B 250 -5.35 20.58 -39.57
N ILE C 13 0.55 1.14 24.64
CA ILE C 13 1.16 0.97 23.29
C ILE C 13 0.16 0.50 22.23
N ARG C 14 -0.04 1.30 21.19
CA ARG C 14 -1.02 1.00 20.14
C ARG C 14 -0.67 1.64 18.79
N GLN C 15 -1.26 1.12 17.72
CA GLN C 15 -1.04 1.66 16.38
C GLN C 15 -1.86 2.94 16.23
N THR C 16 -1.72 3.63 15.10
CA THR C 16 -2.41 4.89 14.92
C THR C 16 -3.84 4.65 14.46
N GLY C 17 -4.66 5.69 14.55
CA GLY C 17 -6.05 5.64 14.09
C GLY C 17 -7.08 5.08 15.06
N SER C 18 -6.61 4.53 16.18
CA SER C 18 -7.51 3.90 17.14
C SER C 18 -7.35 4.44 18.58
N SER C 19 -8.28 4.04 19.44
CA SER C 19 -8.46 4.68 20.74
C SER C 19 -7.86 3.85 21.87
N ALA C 20 -7.75 4.48 23.04
CA ALA C 20 -7.19 3.85 24.22
C ALA C 20 -7.70 4.50 25.49
N GLU C 21 -8.09 3.67 26.44
CA GLU C 21 -8.57 4.10 27.74
C GLU C 21 -7.39 4.12 28.70
N ILE C 22 -7.09 5.30 29.26
CA ILE C 22 -6.03 5.45 30.26
C ILE C 22 -6.68 5.85 31.59
N THR C 23 -6.44 5.07 32.64
CA THR C 23 -7.12 5.31 33.91
C THR C 23 -6.28 6.06 34.95
N CYS C 24 -6.98 6.78 35.82
CA CYS C 24 -6.40 7.63 36.84
C CYS C 24 -6.23 6.85 38.18
N ASP C 25 -5.02 6.42 38.50
CA ASP C 25 -4.78 5.65 39.73
C ASP C 25 -4.56 6.52 40.97
N LEU C 26 -5.65 6.94 41.63
CA LEU C 26 -5.56 7.73 42.85
C LEU C 26 -6.65 7.35 43.85
N GLY C 32 -11.16 17.50 44.15
CA GLY C 32 -12.41 17.53 43.35
C GLY C 32 -12.27 17.66 41.82
N TYR C 33 -11.46 18.64 41.43
CA TYR C 33 -10.98 18.78 40.08
C TYR C 33 -9.83 17.82 39.82
N ILE C 34 -9.92 17.07 38.71
CA ILE C 34 -8.85 16.13 38.35
C ILE C 34 -8.15 16.59 37.06
N HIS C 35 -6.88 17.02 37.18
CA HIS C 35 -6.05 17.51 36.05
C HIS C 35 -5.29 16.36 35.34
N TRP C 36 -4.93 16.53 34.06
CA TRP C 36 -4.07 15.55 33.35
C TRP C 36 -2.89 16.18 32.64
N TYR C 37 -1.70 15.65 32.92
CA TYR C 37 -0.46 16.07 32.24
C TYR C 37 0.04 14.98 31.31
N LEU C 38 0.57 15.41 30.18
CA LEU C 38 1.30 14.54 29.27
C LEU C 38 2.78 14.80 29.47
N HIS C 39 3.62 13.84 29.09
CA HIS C 39 5.07 13.96 29.31
C HIS C 39 5.91 13.06 28.38
N LYS C 43 11.50 17.38 26.44
CA LYS C 43 10.19 18.04 26.61
C LYS C 43 9.63 17.99 28.04
N ALA C 44 9.27 19.14 28.60
CA ALA C 44 8.67 19.20 29.94
C ALA C 44 7.22 18.64 29.99
N PRO C 45 6.82 18.10 31.16
CA PRO C 45 5.45 17.63 31.37
C PRO C 45 4.42 18.76 31.33
N GLN C 46 3.35 18.55 30.57
CA GLN C 46 2.39 19.61 30.33
C GLN C 46 1.01 19.13 30.71
N ARG C 47 0.18 20.05 31.21
CA ARG C 47 -1.23 19.76 31.49
C ARG C 47 -2.09 20.00 30.23
N LEU C 48 -2.88 19.00 29.85
CA LEU C 48 -3.66 19.04 28.62
C LEU C 48 -5.00 19.71 28.85
N LEU C 49 -5.75 19.13 29.79
CA LEU C 49 -7.03 19.67 30.16
C LEU C 49 -7.23 19.52 31.65
N TYR C 50 -8.26 20.13 32.18
CA TYR C 50 -8.65 19.86 33.55
C TYR C 50 -10.16 19.72 33.63
N TYR C 51 -10.58 18.93 34.60
CA TYR C 51 -11.85 18.26 34.55
C TYR C 51 -12.54 18.33 35.88
N ASP C 52 -13.84 18.52 35.85
CA ASP C 52 -14.63 18.50 37.07
C ASP C 52 -15.38 17.18 37.14
N SER C 53 -14.97 16.33 38.09
CA SER C 53 -15.64 15.08 38.38
C SER C 53 -17.14 15.31 38.51
N TYR C 54 -17.55 16.34 39.24
CA TYR C 54 -18.97 16.48 39.57
C TYR C 54 -19.79 17.21 38.57
N THR C 55 -19.18 18.21 37.92
CA THR C 55 -19.85 19.03 36.90
C THR C 55 -19.76 18.30 35.58
N SER C 56 -18.59 17.65 35.37
CA SER C 56 -18.16 17.08 34.09
C SER C 56 -17.47 18.11 33.24
N SER C 57 -17.69 19.38 33.55
CA SER C 57 -17.02 20.49 32.86
C SER C 57 -15.55 20.12 32.60
N VAL C 58 -15.10 20.37 31.37
CA VAL C 58 -13.73 20.15 30.98
C VAL C 58 -13.22 21.46 30.43
N VAL C 59 -12.01 21.85 30.82
CA VAL C 59 -11.39 23.06 30.28
C VAL C 59 -10.12 22.71 29.55
N LEU C 60 -10.13 22.89 28.24
CA LEU C 60 -8.99 22.55 27.40
C LEU C 60 -8.04 23.71 27.19
N GLU C 61 -6.84 23.36 26.71
CA GLU C 61 -5.74 24.31 26.53
C GLU C 61 -5.44 24.55 25.06
N PRO C 66 -10.49 18.88 21.13
CA PRO C 66 -11.79 18.92 21.83
C PRO C 66 -12.68 17.73 21.44
N GLY C 67 -12.71 16.72 22.32
CA GLY C 67 -13.24 15.41 21.95
C GLY C 67 -12.10 14.45 21.63
N LYS C 68 -10.92 15.01 21.37
CA LYS C 68 -9.67 14.24 21.29
C LYS C 68 -9.47 13.52 22.61
N TYR C 69 -9.96 14.12 23.67
CA TYR C 69 -9.83 13.56 25.00
C TYR C 69 -11.22 13.37 25.63
N ASP C 70 -11.37 12.32 26.43
CA ASP C 70 -12.63 12.01 27.09
C ASP C 70 -12.36 11.65 28.53
N THR C 71 -13.06 12.27 29.47
CA THR C 71 -12.79 12.03 30.89
C THR C 71 -13.85 11.18 31.58
N ASN C 78 -14.36 4.76 38.32
CA ASN C 78 -14.98 5.22 37.08
C ASN C 78 -14.13 6.28 36.35
N LEU C 79 -13.31 6.99 37.11
CA LEU C 79 -12.50 8.10 36.57
C LEU C 79 -11.40 7.61 35.61
N ARG C 80 -11.52 8.00 34.35
CA ARG C 80 -10.62 7.51 33.30
C ARG C 80 -10.47 8.57 32.19
N MET C 81 -9.72 8.22 31.15
CA MET C 81 -9.58 9.07 29.99
C MET C 81 -9.47 8.20 28.76
N ILE C 82 -9.90 8.73 27.63
CA ILE C 82 -9.98 7.99 26.39
C ILE C 82 -9.43 8.87 25.29
N LEU C 83 -8.38 8.38 24.64
CA LEU C 83 -7.77 9.07 23.49
C LEU C 83 -8.35 8.48 22.22
N ARG C 84 -8.48 9.28 21.17
CA ARG C 84 -9.32 8.89 20.04
C ARG C 84 -8.56 8.56 18.75
N ASN C 85 -8.33 9.55 17.90
CA ASN C 85 -7.51 9.32 16.72
C ASN C 85 -6.10 9.62 17.16
N LEU C 86 -5.37 8.55 17.47
CA LEU C 86 -4.03 8.68 18.01
C LEU C 86 -3.06 9.09 16.91
N ILE C 87 -2.02 9.80 17.34
CA ILE C 87 -0.93 10.19 16.46
C ILE C 87 0.37 9.67 17.09
N GLU C 88 1.44 9.57 16.30
CA GLU C 88 2.73 9.18 16.84
C GLU C 88 3.08 10.12 17.99
N ASN C 89 2.87 11.41 17.76
CA ASN C 89 3.25 12.44 18.71
C ASN C 89 2.35 12.48 19.95
N ASP C 90 1.34 11.62 19.98
CA ASP C 90 0.54 11.47 21.19
C ASP C 90 1.17 10.45 22.12
N SER C 91 2.34 9.96 21.76
CA SER C 91 3.07 9.06 22.62
C SER C 91 3.62 9.84 23.82
N GLY C 92 3.76 9.16 24.95
CA GLY C 92 4.29 9.79 26.15
C GLY C 92 3.78 9.10 27.40
N VAL C 93 4.11 9.65 28.56
CA VAL C 93 3.56 9.19 29.82
C VAL C 93 2.40 10.09 30.29
N TYR C 94 1.30 9.49 30.76
CA TYR C 94 0.10 10.24 31.14
C TYR C 94 -0.22 10.19 32.64
N TYR C 95 -0.05 11.33 33.28
CA TYR C 95 -0.33 11.41 34.68
C TYR C 95 -1.61 12.21 34.87
N CYS C 96 -2.45 11.73 35.77
CA CYS C 96 -3.57 12.51 36.23
C CYS C 96 -3.21 13.08 37.60
N ALA C 97 -3.97 14.06 38.06
CA ALA C 97 -3.51 14.87 39.17
C ALA C 97 -4.63 15.64 39.88
N THR C 98 -4.40 15.93 41.15
CA THR C 98 -5.32 16.71 41.97
C THR C 98 -4.55 17.41 43.06
N TRP C 99 -4.97 18.60 43.43
CA TRP C 99 -4.42 19.23 44.62
C TRP C 99 -4.80 18.39 45.85
N ASP C 100 -3.88 18.31 46.82
CA ASP C 100 -4.09 17.52 48.04
C ASP C 100 -5.19 18.09 48.94
N GLN C 101 -5.59 17.30 49.93
CA GLN C 101 -6.71 17.62 50.79
C GLN C 101 -6.52 18.91 51.60
N ASN C 102 -5.28 19.41 51.69
CA ASN C 102 -5.01 20.69 52.39
C ASN C 102 -4.81 21.87 51.41
N TYR C 103 -4.77 21.57 50.12
CA TYR C 103 -4.35 22.55 49.12
C TYR C 103 -2.97 23.09 49.41
N TYR C 104 -2.12 22.22 49.94
CA TYR C 104 -0.72 22.50 50.15
C TYR C 104 0.03 22.30 48.85
N LYS C 105 0.01 21.07 48.34
CA LYS C 105 0.73 20.67 47.13
C LYS C 105 -0.21 20.08 46.07
N LYS C 106 0.37 19.62 44.96
CA LYS C 106 -0.37 18.90 43.91
C LYS C 106 0.06 17.45 43.92
N LEU C 107 -0.83 16.52 43.58
CA LEU C 107 -0.54 15.10 43.74
C LEU C 107 -0.88 14.31 42.48
N PHE C 108 0.08 13.50 42.04
CA PHE C 108 0.02 12.81 40.75
C PHE C 108 -0.14 11.31 40.97
N GLY C 109 -0.86 10.65 40.06
CA GLY C 109 -1.23 9.25 40.23
C GLY C 109 -0.24 8.24 39.66
N SER C 110 -0.79 7.14 39.14
CA SER C 110 0.01 5.98 38.71
C SER C 110 1.03 6.30 37.63
N GLY C 111 0.56 6.77 36.48
CA GLY C 111 1.43 7.01 35.32
C GLY C 111 1.24 5.95 34.25
N THR C 112 0.83 6.37 33.05
CA THR C 112 0.54 5.44 31.96
C THR C 112 1.29 5.80 30.67
N SER C 113 2.15 4.90 30.19
CA SER C 113 2.94 5.12 28.99
C SER C 113 2.24 4.68 27.70
N LEU C 114 1.96 5.64 26.82
CA LEU C 114 1.39 5.36 25.50
C LEU C 114 2.46 5.45 24.43
N VAL C 115 2.30 4.66 23.36
CA VAL C 115 3.22 4.71 22.22
C VAL C 115 2.45 4.36 20.94
N VAL C 116 2.50 5.24 19.94
CA VAL C 116 1.78 5.01 18.69
C VAL C 116 2.70 4.84 17.48
N THR C 117 2.37 3.87 16.63
CA THR C 117 3.19 3.54 15.45
C THR C 117 2.36 2.92 14.31
N GLN C 137 5.52 33.90 31.29
CA GLN C 137 5.73 32.90 32.34
C GLN C 137 6.48 31.69 31.78
N LYS C 138 7.64 31.39 32.38
CA LYS C 138 8.50 30.31 31.89
C LYS C 138 9.26 29.62 33.02
N VAL C 139 9.91 28.51 32.69
CA VAL C 139 10.82 27.83 33.60
C VAL C 139 12.01 27.32 32.80
N THR C 140 13.18 27.31 33.44
CA THR C 140 14.41 26.89 32.78
C THR C 140 15.29 26.14 33.79
N GLN C 141 15.23 24.82 33.76
CA GLN C 141 16.03 23.99 34.66
C GLN C 141 17.10 23.22 33.89
N VAL C 146 23.33 14.11 36.41
CA VAL C 146 24.44 14.05 37.39
C VAL C 146 24.56 12.68 38.06
N VAL C 154 24.67 17.72 46.48
CA VAL C 154 23.61 17.82 45.47
C VAL C 154 22.80 19.11 45.64
N THR C 155 22.86 19.96 44.62
CA THR C 155 22.08 21.19 44.58
C THR C 155 21.60 21.41 43.15
N LEU C 156 20.31 21.13 42.91
CA LEU C 156 19.74 21.20 41.57
C LEU C 156 19.22 22.60 41.24
N ASN C 157 19.70 23.14 40.13
CA ASN C 157 19.35 24.49 39.71
C ASN C 157 17.99 24.53 39.07
N CYS C 158 17.40 25.73 39.01
CA CYS C 158 16.06 25.92 38.48
C CYS C 158 15.77 27.42 38.46
N LEU C 159 15.55 27.97 37.26
CA LEU C 159 15.33 29.41 37.10
C LEU C 159 14.00 29.68 36.41
N TYR C 160 13.33 30.75 36.81
CA TYR C 160 11.96 31.04 36.35
C TYR C 160 11.69 32.53 36.17
N GLU C 161 10.85 32.86 35.19
CA GLU C 161 10.40 34.24 35.00
C GLU C 161 8.87 34.31 35.13
N THR C 162 8.39 35.01 36.16
CA THR C 162 6.95 35.07 36.45
C THR C 162 6.41 36.51 36.52
N SER C 163 5.33 36.74 35.78
CA SER C 163 4.72 38.07 35.68
C SER C 163 3.63 38.29 36.72
N TRP C 164 3.59 37.45 37.75
CA TRP C 164 2.57 37.53 38.79
C TRP C 164 3.08 38.24 40.03
N TRP C 165 2.16 38.73 40.85
CA TRP C 165 2.50 39.23 42.18
C TRP C 165 2.94 38.07 43.08
N SER C 166 2.10 37.03 43.13
CA SER C 166 2.31 35.88 44.01
C SER C 166 2.73 34.65 43.21
N TYR C 167 3.25 33.63 43.88
CA TYR C 167 3.82 32.47 43.20
C TYR C 167 4.07 31.29 44.14
N TYR C 168 4.38 30.13 43.55
CA TYR C 168 4.90 28.98 44.30
C TYR C 168 5.82 28.12 43.44
N ILE C 169 6.91 27.63 44.02
CA ILE C 169 7.80 26.71 43.33
C ILE C 169 7.75 25.34 44.02
N PHE C 170 7.60 24.29 43.22
CA PHE C 170 7.47 22.92 43.75
C PHE C 170 8.54 22.02 43.17
N TRP C 171 8.92 20.99 43.91
CA TRP C 171 9.88 20.01 43.41
C TRP C 171 9.31 18.61 43.53
N TYR C 172 9.45 17.83 42.46
CA TYR C 172 9.06 16.42 42.46
C TYR C 172 10.20 15.51 41.98
N LYS C 173 10.16 14.26 42.41
CA LYS C 173 11.12 13.27 41.96
C LYS C 173 10.44 12.22 41.09
N ARG C 174 10.98 12.00 39.89
CA ARG C 174 10.45 10.99 38.97
C ARG C 174 11.28 9.70 39.04
N LEU C 175 10.73 8.67 39.67
CA LEU C 175 11.38 7.37 39.75
C LEU C 175 11.18 6.56 38.47
N PRO C 176 12.05 5.56 38.24
CA PRO C 176 11.98 4.75 37.00
C PRO C 176 10.71 3.92 36.83
N SER C 177 9.73 4.10 37.74
CA SER C 177 8.38 3.55 37.56
C SER C 177 7.46 4.65 37.07
N LYS C 178 8.04 5.83 36.83
CA LYS C 178 7.31 6.98 36.29
C LYS C 178 6.36 7.59 37.34
N GLU C 179 6.58 7.30 38.61
CA GLU C 179 5.65 7.69 39.68
C GLU C 179 6.04 9.01 40.37
N MET C 180 5.62 10.14 39.79
CA MET C 180 5.92 11.46 40.36
C MET C 180 5.56 11.58 41.86
N ILE C 181 6.57 11.81 42.69
CA ILE C 181 6.39 12.02 44.12
C ILE C 181 6.86 13.44 44.51
N PHE C 182 6.03 14.15 45.30
CA PHE C 182 6.31 15.53 45.71
C PHE C 182 7.47 15.57 46.69
N LEU C 183 8.22 16.67 46.70
CA LEU C 183 9.40 16.77 47.54
C LEU C 183 9.25 17.87 48.60
N ILE C 184 9.43 19.12 48.18
CA ILE C 184 9.32 20.26 49.07
C ILE C 184 8.81 21.43 48.26
N ARG C 185 8.20 22.41 48.93
CA ARG C 185 7.56 23.53 48.24
C ARG C 185 7.96 24.88 48.84
N GLN C 186 8.57 25.73 48.03
CA GLN C 186 8.94 27.07 48.47
C GLN C 186 7.86 28.08 48.11
N GLY C 187 7.40 28.83 49.12
CA GLY C 187 6.39 29.88 48.92
C GLY C 187 6.98 31.11 48.25
N SER C 188 6.12 31.89 47.58
CA SER C 188 6.56 33.15 46.96
C SER C 188 7.06 34.15 48.00
N ASP C 189 6.44 34.13 49.18
CA ASP C 189 6.76 35.08 50.23
C ASP C 189 7.40 34.42 51.45
N GLU C 190 7.34 33.09 51.52
CA GLU C 190 7.86 32.35 52.67
C GLU C 190 9.40 32.26 52.71
N GLN C 191 9.95 32.08 53.90
CA GLN C 191 11.40 31.94 54.08
C GLN C 191 11.88 30.59 53.55
N ASN C 192 13.05 30.59 52.92
CA ASN C 192 13.65 29.36 52.40
C ASN C 192 13.28 28.14 53.25
N ALA C 193 12.57 27.19 52.65
CA ALA C 193 12.06 26.04 53.40
C ALA C 193 13.06 24.88 53.46
N LYS C 194 12.72 23.86 54.26
CA LYS C 194 13.48 22.63 54.33
C LYS C 194 12.69 21.57 55.11
N SER C 195 12.93 20.30 54.82
CA SER C 195 12.24 19.21 55.50
C SER C 195 12.96 17.89 55.24
N GLY C 196 12.90 16.98 56.20
CA GLY C 196 13.57 15.70 56.06
C GLY C 196 14.99 15.95 55.60
N ARG C 197 15.27 15.66 54.34
CA ARG C 197 16.65 15.73 53.83
C ARG C 197 16.83 16.78 52.73
N TYR C 198 15.74 17.45 52.36
CA TYR C 198 15.73 18.35 51.20
C TYR C 198 15.67 19.81 51.65
N SER C 199 16.33 20.70 50.89
CA SER C 199 16.41 22.13 51.24
C SER C 199 15.99 23.01 50.06
N VAL C 200 16.16 24.33 50.20
CA VAL C 200 15.88 25.27 49.10
C VAL C 200 16.41 26.69 49.38
N ASN C 201 17.11 27.26 48.40
CA ASN C 201 17.61 28.64 48.46
C ASN C 201 16.87 29.56 47.48
N PHE C 202 15.96 30.38 48.03
CA PHE C 202 15.12 31.25 47.22
C PHE C 202 15.58 32.70 47.24
N LYS C 203 16.38 33.06 46.24
CA LYS C 203 16.75 34.46 46.04
C LYS C 203 15.67 35.07 45.17
N LYS C 204 14.92 36.00 45.73
CA LYS C 204 13.78 36.56 45.03
C LYS C 204 14.24 37.50 43.94
N LYS C 207 14.31 35.22 41.70
CA LYS C 207 13.93 34.41 40.54
C LYS C 207 14.87 33.24 40.28
N SER C 208 15.48 32.73 41.35
CA SER C 208 16.31 31.52 41.28
C SER C 208 15.98 30.62 42.47
N VAL C 209 15.37 29.47 42.18
CA VAL C 209 14.87 28.57 43.22
C VAL C 209 15.57 27.20 43.19
N ALA C 210 16.89 27.20 43.35
CA ALA C 210 17.66 25.96 43.25
C ALA C 210 17.56 25.09 44.52
N LEU C 211 16.98 23.90 44.37
CA LEU C 211 16.81 22.97 45.49
C LEU C 211 18.12 22.33 45.88
N THR C 212 18.14 21.66 47.03
CA THR C 212 19.33 20.95 47.48
C THR C 212 18.99 19.77 48.40
N ILE C 213 19.28 18.56 47.91
CA ILE C 213 19.17 17.35 48.74
C ILE C 213 20.38 17.24 49.67
N SER C 214 20.31 16.31 50.63
CA SER C 214 21.37 16.13 51.62
C SER C 214 21.67 14.66 51.91
N LYS C 223 15.90 12.17 37.92
CA LYS C 223 15.01 12.98 37.08
C LYS C 223 14.14 13.88 37.95
N TYR C 224 14.63 15.09 38.19
CA TYR C 224 14.00 16.01 39.13
C TYR C 224 13.35 17.21 38.45
N PHE C 225 12.19 17.60 38.97
CA PHE C 225 11.40 18.64 38.33
C PHE C 225 11.00 19.73 39.31
N CYS C 226 11.43 20.96 39.01
CA CYS C 226 10.95 22.12 39.73
C CYS C 226 9.82 22.73 38.90
N ALA C 227 8.68 22.98 39.54
CA ALA C 227 7.50 23.47 38.83
C ALA C 227 6.94 24.74 39.46
N LEU C 228 6.29 25.58 38.66
CA LEU C 228 5.78 26.86 39.13
C LEU C 228 4.25 26.95 39.07
N GLY C 229 3.63 27.27 40.21
CA GLY C 229 2.18 27.50 40.29
C GLY C 229 1.82 28.89 40.81
N GLU C 230 0.75 29.46 40.25
CA GLU C 230 0.33 30.83 40.55
C GLU C 230 -0.29 30.95 41.93
N SER C 231 -1.32 30.14 42.16
CA SER C 231 -2.08 30.18 43.39
C SER C 231 -2.44 28.75 43.76
N LEU C 232 -3.01 28.60 44.95
CA LEU C 232 -3.51 27.32 45.41
C LEU C 232 -5.04 27.30 45.34
N THR C 233 -5.54 27.39 44.11
CA THR C 233 -6.94 27.15 43.75
C THR C 233 -7.00 25.74 43.16
N ARG C 234 -8.17 25.10 43.19
CA ARG C 234 -8.29 23.75 42.65
C ARG C 234 -8.14 23.72 41.13
N ALA C 235 -8.32 24.86 40.49
CA ALA C 235 -8.14 24.96 39.04
C ALA C 235 -6.70 25.22 38.64
N ASP C 236 -5.80 25.43 39.60
CA ASP C 236 -4.52 26.01 39.26
C ASP C 236 -3.51 25.04 38.61
N LYS C 237 -2.88 25.50 37.52
CA LYS C 237 -1.84 24.75 36.85
C LYS C 237 -0.51 25.08 37.49
N LEU C 238 0.36 24.08 37.55
CA LEU C 238 1.78 24.32 37.75
C LEU C 238 2.48 24.03 36.44
N ILE C 239 3.34 24.95 36.01
CA ILE C 239 4.14 24.79 34.79
C ILE C 239 5.46 24.05 35.08
N PHE C 240 6.18 23.65 34.04
CA PHE C 240 7.26 22.70 34.24
C PHE C 240 8.61 22.95 33.55
N GLY C 241 9.65 22.95 34.39
CA GLY C 241 10.99 22.75 33.92
C GLY C 241 11.09 21.32 33.43
N LYS C 242 12.25 20.96 32.87
CA LYS C 242 12.48 19.64 32.32
C LYS C 242 13.36 18.81 33.24
N VAL D 12 19.12 -9.31 14.31
CA VAL D 12 19.27 -9.80 12.90
C VAL D 12 17.92 -10.13 12.31
N ILE D 13 17.34 -9.18 11.58
CA ILE D 13 16.02 -9.34 10.96
C ILE D 13 16.15 -9.89 9.53
N SER D 18 17.41 -15.71 1.03
CA SER D 18 18.28 -14.79 1.78
C SER D 18 19.42 -15.55 2.48
N SER D 19 20.23 -14.83 3.25
CA SER D 19 21.39 -15.44 3.91
C SER D 19 21.82 -14.61 5.14
N ALA D 20 21.94 -15.25 6.30
CA ALA D 20 22.29 -14.54 7.54
C ALA D 20 23.65 -14.92 8.11
N GLU D 21 24.45 -13.93 8.46
CA GLU D 21 25.77 -14.13 9.05
C GLU D 21 25.66 -14.08 10.57
N ILE D 22 26.52 -14.83 11.25
CA ILE D 22 26.50 -14.87 12.72
C ILE D 22 27.93 -14.98 13.24
N THR D 23 28.37 -13.97 13.99
CA THR D 23 29.74 -13.91 14.51
C THR D 23 29.79 -14.53 15.90
N CYS D 24 30.93 -14.43 16.57
CA CYS D 24 31.16 -15.17 17.81
C CYS D 24 32.26 -14.52 18.61
N ASP D 25 31.95 -14.19 19.85
CA ASP D 25 32.79 -13.31 20.66
C ASP D 25 33.75 -14.09 21.56
N LEU D 26 33.88 -15.38 21.32
CA LEU D 26 34.56 -16.25 22.28
C LEU D 26 36.08 -16.12 22.28
N ALA D 27 36.63 -15.94 23.48
CA ALA D 27 38.08 -16.01 23.72
C ALA D 27 38.87 -15.02 22.86
N GLY D 32 40.42 -24.83 19.84
CA GLY D 32 40.37 -25.92 18.91
C GLY D 32 39.00 -25.98 18.27
N TYR D 33 38.08 -26.66 18.95
CA TYR D 33 36.79 -26.99 18.35
C TYR D 33 35.70 -26.05 18.83
N ILE D 34 35.09 -25.31 17.92
CA ILE D 34 33.94 -24.46 18.27
C ILE D 34 32.66 -25.25 18.06
N HIS D 35 31.63 -24.96 18.84
CA HIS D 35 30.33 -25.58 18.62
C HIS D 35 29.30 -24.50 18.31
N TRP D 36 28.17 -24.91 17.76
CA TRP D 36 27.12 -23.94 17.44
C TRP D 36 25.77 -24.52 17.77
N TYR D 37 25.05 -23.84 18.65
CA TYR D 37 23.74 -24.28 19.04
C TYR D 37 22.67 -23.32 18.53
N LEU D 38 21.43 -23.77 18.53
CA LEU D 38 20.29 -22.91 18.26
C LEU D 38 19.17 -23.23 19.25
N HIS D 39 18.77 -22.22 20.03
CA HIS D 39 17.64 -22.37 20.93
C HIS D 39 16.34 -21.87 20.30
N GLN D 40 15.34 -22.75 20.26
CA GLN D 40 13.98 -22.36 19.91
C GLN D 40 13.04 -22.69 21.08
N GLU D 41 11.80 -22.18 20.99
CA GLU D 41 10.83 -22.39 22.06
C GLU D 41 10.58 -23.88 22.31
N PRO D 45 17.28 -25.84 23.36
CA PRO D 45 18.55 -25.67 22.69
C PRO D 45 19.18 -26.99 22.27
N GLN D 46 19.71 -27.02 21.04
CA GLN D 46 20.46 -28.17 20.54
C GLN D 46 21.51 -27.69 19.55
N ARG D 47 22.45 -28.58 19.23
CA ARG D 47 23.63 -28.20 18.47
C ARG D 47 23.45 -28.49 16.98
N LEU D 48 23.95 -27.57 16.16
CA LEU D 48 23.84 -27.67 14.71
C LEU D 48 25.07 -28.40 14.14
N LEU D 49 26.24 -28.05 14.65
CA LEU D 49 27.50 -28.49 14.08
C LEU D 49 28.61 -28.32 15.10
N TYR D 50 29.83 -28.76 14.76
CA TYR D 50 31.03 -28.27 15.43
C TYR D 50 32.18 -28.14 14.45
N TYR D 51 33.02 -27.13 14.64
CA TYR D 51 34.01 -26.68 13.65
C TYR D 51 35.42 -26.82 14.22
N ASP D 52 36.35 -27.43 13.48
CA ASP D 52 37.77 -27.38 13.84
C ASP D 52 38.46 -26.35 12.98
N SER D 53 38.77 -25.21 13.59
CA SER D 53 39.61 -24.18 12.97
C SER D 53 40.84 -24.89 12.35
N TYR D 54 41.48 -25.72 13.18
CA TYR D 54 42.61 -26.54 12.79
C TYR D 54 42.57 -26.96 11.32
N THR D 55 41.70 -27.93 11.03
CA THR D 55 41.66 -28.60 9.75
C THR D 55 40.66 -27.91 8.82
N SER D 56 40.08 -26.81 9.29
CA SER D 56 38.98 -26.15 8.59
C SER D 56 37.85 -27.14 8.40
N SER D 57 37.83 -28.16 9.26
CA SER D 57 36.92 -29.31 9.11
C SER D 57 35.57 -28.98 9.72
N VAL D 58 34.50 -29.58 9.21
CA VAL D 58 33.19 -29.38 9.81
C VAL D 58 32.38 -30.68 9.90
N VAL D 59 31.70 -30.87 11.04
CA VAL D 59 30.96 -32.09 11.31
C VAL D 59 29.50 -31.81 11.65
N LEU D 60 28.62 -31.95 10.67
CA LEU D 60 27.19 -31.67 10.83
C LEU D 60 26.48 -32.72 11.69
N GLU D 61 25.31 -32.35 12.20
CA GLU D 61 24.41 -33.29 12.86
C GLU D 61 23.50 -33.98 11.84
N SER D 62 22.86 -35.06 12.29
CA SER D 62 21.89 -35.74 11.46
C SER D 62 20.76 -34.76 11.11
N GLY D 63 20.45 -34.66 9.81
CA GLY D 63 19.35 -33.81 9.35
C GLY D 63 19.77 -32.54 8.62
N ILE D 64 20.89 -31.95 9.05
CA ILE D 64 21.29 -30.61 8.60
C ILE D 64 21.55 -30.52 7.08
N LYS D 68 24.01 -25.03 3.66
CA LYS D 68 23.25 -24.45 4.78
C LYS D 68 24.07 -23.57 5.71
N TYR D 69 25.04 -24.15 6.41
CA TYR D 69 25.72 -23.40 7.45
C TYR D 69 27.19 -23.22 7.12
N ASP D 70 27.51 -22.23 6.30
CA ASP D 70 28.90 -21.99 5.97
C ASP D 70 29.63 -21.30 7.13
N THR D 71 30.70 -21.94 7.59
CA THR D 71 31.44 -21.53 8.79
C THR D 71 32.87 -21.14 8.43
N TYR D 72 33.36 -20.05 9.03
CA TYR D 72 34.56 -19.39 8.54
C TYR D 72 35.35 -18.74 9.68
N ASN D 78 37.20 -13.95 14.71
CA ASN D 78 36.97 -14.33 13.31
C ASN D 78 35.77 -15.25 13.12
N LEU D 79 35.52 -16.09 14.12
CA LEU D 79 34.52 -17.13 13.99
C LEU D 79 33.20 -16.54 13.48
N ARG D 80 32.80 -16.95 12.28
CA ARG D 80 31.55 -16.50 11.70
C ARG D 80 30.88 -17.68 11.00
N MET D 81 29.56 -17.61 10.86
CA MET D 81 28.80 -18.69 10.22
C MET D 81 27.62 -18.18 9.36
N ILE D 82 27.79 -18.19 8.05
CA ILE D 82 26.70 -17.78 7.16
C ILE D 82 25.64 -18.88 7.07
N LEU D 83 24.46 -18.59 7.61
CA LEU D 83 23.30 -19.46 7.48
C LEU D 83 22.63 -19.19 6.12
N ARG D 84 22.95 -20.02 5.13
CA ARG D 84 22.53 -19.81 3.74
C ARG D 84 21.07 -20.19 3.51
N ILE D 87 14.97 -19.30 5.38
CA ILE D 87 13.66 -19.85 5.77
C ILE D 87 13.17 -19.30 7.12
N GLU D 88 11.98 -19.75 7.54
CA GLU D 88 11.31 -19.21 8.73
C GLU D 88 11.43 -20.12 9.95
N ASN D 89 11.83 -21.37 9.73
CA ASN D 89 12.14 -22.28 10.83
C ASN D 89 13.51 -21.93 11.42
N ASP D 90 14.28 -21.14 10.68
CA ASP D 90 15.65 -20.78 11.06
C ASP D 90 15.72 -19.77 12.21
N SER D 91 14.58 -19.17 12.56
CA SER D 91 14.51 -18.15 13.61
C SER D 91 14.78 -18.72 15.01
N GLY D 92 15.55 -17.98 15.79
CA GLY D 92 15.90 -18.37 17.16
C GLY D 92 17.25 -17.81 17.61
N VAL D 93 17.68 -18.18 18.81
CA VAL D 93 18.93 -17.70 19.39
C VAL D 93 20.11 -18.63 19.07
N TYR D 94 21.08 -18.12 18.30
CA TYR D 94 22.27 -18.88 17.92
C TYR D 94 23.39 -18.72 18.96
N TYR D 95 24.15 -19.79 19.20
CA TYR D 95 25.21 -19.78 20.22
C TYR D 95 26.44 -20.58 19.77
N CYS D 96 27.57 -19.89 19.66
CA CYS D 96 28.85 -20.58 19.54
C CYS D 96 29.32 -21.01 20.93
N ALA D 97 29.99 -22.15 21.02
CA ALA D 97 30.46 -22.69 22.30
C ALA D 97 31.74 -23.51 22.15
N THR D 98 32.57 -23.50 23.19
CA THR D 98 33.82 -24.27 23.21
C THR D 98 34.05 -24.76 24.63
N TRP D 99 34.76 -25.87 24.79
CA TRP D 99 35.05 -26.40 26.12
C TRP D 99 36.15 -25.60 26.82
N ASP D 100 36.06 -25.52 28.14
CA ASP D 100 37.05 -24.81 28.97
C ASP D 100 38.49 -25.25 28.68
N GLN D 101 39.44 -24.47 29.19
CA GLN D 101 40.85 -24.80 29.05
C GLN D 101 41.12 -26.13 29.73
N ASN D 102 40.74 -26.24 31.00
CA ASN D 102 40.98 -27.44 31.79
C ASN D 102 39.83 -28.44 31.66
N TYR D 103 39.16 -28.42 30.51
CA TYR D 103 38.01 -29.30 30.25
C TYR D 103 37.03 -29.51 31.41
N TYR D 104 36.74 -28.45 32.17
CA TYR D 104 35.76 -28.55 33.27
C TYR D 104 34.36 -28.16 32.85
N LYS D 105 34.22 -26.98 32.23
CA LYS D 105 32.92 -26.52 31.70
C LYS D 105 33.05 -26.12 30.24
N LYS D 106 31.91 -25.95 29.56
CA LYS D 106 31.92 -25.40 28.21
C LYS D 106 31.49 -23.93 28.21
N LEU D 107 32.37 -23.06 27.74
CA LEU D 107 32.06 -21.64 27.65
C LEU D 107 31.12 -21.41 26.46
N PHE D 108 30.28 -20.39 26.56
CA PHE D 108 29.31 -20.05 25.50
C PHE D 108 29.43 -18.61 25.03
N GLY D 109 28.95 -18.36 23.82
CA GLY D 109 29.00 -17.03 23.23
C GLY D 109 27.97 -16.09 23.84
N SER D 110 27.84 -14.92 23.23
CA SER D 110 26.87 -13.92 23.70
C SER D 110 25.55 -14.06 22.92
N GLY D 111 25.50 -15.00 21.97
CA GLY D 111 24.28 -15.25 21.23
C GLY D 111 23.93 -14.14 20.25
N THR D 112 23.07 -14.46 19.28
CA THR D 112 22.60 -13.48 18.30
C THR D 112 21.24 -13.88 17.71
N SER D 113 20.18 -13.21 18.14
CA SER D 113 18.82 -13.55 17.72
C SER D 113 18.56 -13.35 16.23
N LEU D 114 17.62 -14.13 15.69
CA LEU D 114 17.29 -14.08 14.28
C LEU D 114 15.77 -14.14 14.11
N VAL D 115 15.26 -13.54 13.04
CA VAL D 115 13.82 -13.54 12.78
C VAL D 115 13.52 -13.32 11.30
N TYR D 167 29.52 -40.38 32.98
CA TYR D 167 28.95 -39.22 32.30
C TYR D 167 28.98 -37.98 33.19
N TYR D 168 28.43 -36.87 32.70
CA TYR D 168 28.53 -35.59 33.39
C TYR D 168 27.27 -34.73 33.23
N ILE D 169 26.94 -33.96 34.27
CA ILE D 169 25.83 -33.01 34.21
C ILE D 169 26.33 -31.56 34.39
N PHE D 170 25.54 -30.61 33.89
CA PHE D 170 25.83 -29.17 34.03
C PHE D 170 24.52 -28.42 34.21
N TRP D 171 24.59 -27.11 34.44
CA TRP D 171 23.38 -26.29 34.56
C TRP D 171 23.59 -24.87 34.04
N ALA D 227 22.69 -30.00 31.65
CA ALA D 227 22.53 -31.02 30.63
C ALA D 227 23.56 -32.13 30.82
N LEU D 228 23.27 -33.30 30.27
CA LEU D 228 24.19 -34.44 30.37
C LEU D 228 25.31 -34.34 29.31
N GLY D 229 26.42 -35.01 29.61
CA GLY D 229 27.55 -35.11 28.69
C GLY D 229 28.32 -36.39 29.00
N GLU D 230 28.47 -37.27 28.02
CA GLU D 230 29.07 -38.59 28.25
C GLU D 230 30.52 -38.47 28.68
N SER D 231 31.35 -37.89 27.81
CA SER D 231 32.74 -37.73 28.16
C SER D 231 33.21 -36.29 28.02
N LEU D 232 34.25 -35.94 28.78
CA LEU D 232 34.83 -34.60 28.76
C LEU D 232 35.80 -34.42 27.59
N THR D 233 35.30 -34.14 26.39
CA THR D 233 36.18 -34.06 25.20
C THR D 233 35.77 -33.01 24.15
N ARG D 234 36.77 -32.46 23.45
CA ARG D 234 36.52 -31.45 22.44
C ARG D 234 35.27 -31.76 21.60
N ALA D 235 35.01 -33.04 21.33
CA ALA D 235 33.97 -33.41 20.36
C ALA D 235 32.58 -33.40 20.97
N ASP D 236 32.50 -33.40 22.29
CA ASP D 236 31.24 -33.70 22.97
C ASP D 236 30.15 -32.65 22.92
N LYS D 237 28.98 -33.10 22.51
CA LYS D 237 27.77 -32.34 22.62
C LYS D 237 27.45 -32.26 24.10
N LEU D 238 26.50 -31.40 24.43
CA LEU D 238 25.87 -31.44 25.73
C LEU D 238 24.37 -31.44 25.46
N ILE D 239 23.65 -32.42 26.00
CA ILE D 239 22.24 -32.65 25.65
C ILE D 239 21.33 -31.99 26.67
N PHE D 240 20.78 -30.84 26.30
CA PHE D 240 19.91 -30.09 27.22
C PHE D 240 18.45 -30.47 27.01
N GLY D 241 17.60 -30.03 27.92
CA GLY D 241 16.17 -30.33 27.86
C GLY D 241 15.42 -29.40 26.92
#